data_6OCO
#
_entry.id   6OCO
#
_cell.length_a   91.017
_cell.length_b   108.981
_cell.length_c   142.394
_cell.angle_alpha   90.000
_cell.angle_beta   90.000
_cell.angle_gamma   90.000
#
_symmetry.space_group_name_H-M   'P 21 21 21'
#
loop_
_entity.id
_entity.type
_entity.pdbx_description
1 polymer 'Phosphatidylinositol 4,5-bisphosphate 3-kinase catalytic subunit delta isoform'
2 polymer 'Phosphatidylinositol 3-kinase regulatory subunit alpha'
3 non-polymer 4-[(1S,4S)-5-(3-chlorophenyl)-2,5-diazabicyclo[2.2.1]heptan-2-yl]-2-(pyridin-3-yl)pyrimidine-5-carbonitrile
4 water water
#
loop_
_entity_poly.entity_id
_entity_poly.type
_entity_poly.pdbx_seq_one_letter_code
_entity_poly.pdbx_strand_id
1 'polypeptide(L)'
;NQSVVVDFLLPTGVYLNFPVSRNANLSTIKQLLWHRAQYEPLFHMLSGPEAYVFTCINQTAEQQELEDEQRRLCDVQPFL
PVLRLVAREGDRVKKLINSQISLLIGKGLHEFDSLCDPEVNDFRAKMCQFCEEAAARRQQLGWEAWLQYSFPLQLEPSAQ
TWGPGTLRLPNRALLVNVKFEGSEESFTFQVSTKDVPLALMACALRKKATVFRQPLVEQPEDYTLQVNGRHEYLYGSYPL
CQFQYICSCLHSGLTPHLTMVHSSSILAMRDEQSNPAPQVQKPRAKPPPIPAKKPSSVSLWSLEQPFRIELIQGSKVNAD
ERMKLVVQAGLFHGNEMLCKTVSSSEVSVCSEPVWKQRLEFDINICDLPRMARLCFALYAVIEKAKKARSTKKKSKKADC
PIAWANLMLFDYKDQLKTGERCLYMWPSVPDEKGELLNPTGTVRSNPNTDSAAALLICLPEVAPHPVYYPALEKILELGR
HSECVHVTEEEQLQLREILERRGSGELYEHEKDLVWKLRHEVQEHFPEALARLLLVTKWNKHEDVAQMLYLLCSWPELPV
LSALELLDFSFPDCHVGSFAIKSLRKLTDDELFQYLLQLVQVLKYESYLDCELTKFLLDRALANRKIGHFLFWHLRSEMH
VPSVALRFGLILEAYCRGSTHHMKVLMKQGEALSKLKALNDFVKLSSQKTPKPQTKELMHLCMRQEAYLEALSHLQSPLD
PSTLLAEVCVEQCTFMDSKMKPLWIMYSNEEAGSGGSVGIIFKNGDDLRQDMLTLQMIQLMDVLWKQEGLDLRMTPYGCL
PTGDRTGLIEVVLRSDTIANIQLNKSNMAATAAFNKDALLNWLKSKNPGEALDRAIEEFTLSCAGYCVATYVLGIGDRHS
DNIMIRESGQLFHIDFGHFLGNFKTKFGINRERVPFILTYDFVHVIQQGKTNNSEKFERFRGYCERAYTILRRHGLLFLH
LFALMRAAGLPELSCSKDIQYLKDSLALGKTEEEALKHFRVKFNEALRESWKTKV
;
A
2 'polypeptide(L)'
;YQQDQVVKEDNIEAVGKKLHEYNTQFQEKSREYDRLYEDYTRTSQEIQMKRTAIEAFNETIKIFEEQCQTQERYSKEYIE
KFKREGNETEIQRIMHNYEKLKSRISEIVDSRRRLEEDLKKQAAEYREIDKRMNSIKPDLIQLRKTRDQYLMWLTQKGVR
QKKLNEWLGN
;
B
#
loop_
_chem_comp.id
_chem_comp.type
_chem_comp.name
_chem_comp.formula
M5V non-polymer 4-[(1S,4S)-5-(3-chlorophenyl)-2,5-diazabicyclo[2.2.1]heptan-2-yl]-2-(pyridin-3-yl)pyrimidine-5-carbonitrile 'C21 H17 Cl N6'
#
# COMPACT_ATOMS: atom_id res chain seq x y z
N ASN A 1 -0.62 36.18 8.94
CA ASN A 1 -1.99 36.71 8.66
C ASN A 1 -3.07 35.73 9.08
N GLN A 2 -4.03 36.22 9.88
CA GLN A 2 -5.15 35.39 10.36
C GLN A 2 -6.28 35.35 9.35
N SER A 3 -6.67 36.51 8.82
CA SER A 3 -7.81 36.63 7.91
C SER A 3 -7.42 36.55 6.44
N VAL A 4 -8.33 36.05 5.61
CA VAL A 4 -8.17 35.99 4.14
C VAL A 4 -9.24 36.84 3.45
N VAL A 5 -8.82 37.53 2.40
CA VAL A 5 -9.73 38.23 1.49
C VAL A 5 -10.39 37.17 0.59
N VAL A 6 -11.72 37.12 0.61
CA VAL A 6 -12.49 36.11 -0.13
C VAL A 6 -13.43 36.74 -1.19
N ASP A 7 -13.43 36.14 -2.38
CA ASP A 7 -14.26 36.58 -3.51
C ASP A 7 -15.61 35.92 -3.43
N PHE A 8 -16.67 36.72 -3.44
CA PHE A 8 -18.05 36.21 -3.44
C PHE A 8 -18.75 36.52 -4.74
N LEU A 9 -19.34 35.49 -5.35
CA LEU A 9 -20.10 35.60 -6.59
C LEU A 9 -21.54 35.30 -6.25
N LEU A 10 -22.37 36.36 -6.23
CA LEU A 10 -23.80 36.21 -5.98
C LEU A 10 -24.47 35.84 -7.31
N PRO A 11 -25.65 35.18 -7.26
CA PRO A 11 -26.29 34.67 -8.47
C PRO A 11 -26.85 35.72 -9.44
N THR A 12 -26.81 37.00 -9.07
CA THR A 12 -27.24 38.10 -9.93
C THR A 12 -26.06 38.74 -10.68
N GLY A 13 -24.91 38.07 -10.73
CA GLY A 13 -23.69 38.60 -11.34
C GLY A 13 -22.87 39.52 -10.44
N VAL A 14 -23.38 39.83 -9.24
CA VAL A 14 -22.71 40.79 -8.35
C VAL A 14 -21.49 40.13 -7.68
N TYR A 15 -20.47 40.95 -7.43
CA TYR A 15 -19.18 40.51 -6.93
C TYR A 15 -18.78 41.32 -5.68
N LEU A 16 -18.80 40.65 -4.51
CA LEU A 16 -18.19 41.20 -3.28
C LEU A 16 -16.78 40.64 -3.02
N ASN A 17 -15.95 41.46 -2.37
CA ASN A 17 -14.55 41.15 -2.05
C ASN A 17 -14.23 41.73 -0.67
N PHE A 18 -14.33 40.91 0.38
CA PHE A 18 -14.02 41.35 1.75
C PHE A 18 -13.32 40.27 2.61
N PRO A 19 -12.59 40.70 3.67
CA PRO A 19 -11.82 39.76 4.48
C PRO A 19 -12.67 38.97 5.48
N VAL A 20 -12.35 37.67 5.62
CA VAL A 20 -12.94 36.81 6.65
C VAL A 20 -11.84 35.99 7.32
N SER A 21 -12.18 35.38 8.45
CA SER A 21 -11.22 34.59 9.25
C SER A 21 -11.08 33.18 8.68
N ARG A 22 -9.84 32.67 8.66
CA ARG A 22 -9.55 31.30 8.22
C ARG A 22 -10.31 30.24 9.04
N ASN A 23 -10.39 30.45 10.35
CA ASN A 23 -11.09 29.53 11.28
C ASN A 23 -12.62 29.69 11.34
N ALA A 24 -13.17 30.65 10.59
CA ALA A 24 -14.61 30.87 10.54
C ALA A 24 -15.26 29.79 9.68
N ASN A 25 -16.34 29.19 10.20
CA ASN A 25 -17.12 28.22 9.43
C ASN A 25 -17.99 28.89 8.36
N LEU A 26 -18.43 28.08 7.39
CA LEU A 26 -19.13 28.60 6.22
C LEU A 26 -20.44 29.29 6.57
N SER A 27 -21.19 28.74 7.53
CA SER A 27 -22.41 29.36 8.06
C SER A 27 -22.22 30.78 8.58
N THR A 28 -21.10 31.02 9.24
CA THR A 28 -20.72 32.35 9.72
C THR A 28 -20.32 33.26 8.56
N ILE A 29 -19.59 32.71 7.60
CA ILE A 29 -19.18 33.47 6.41
C ILE A 29 -20.42 33.93 5.62
N LYS A 30 -21.46 33.11 5.58
CA LYS A 30 -22.69 33.44 4.87
C LYS A 30 -23.46 34.59 5.55
N GLN A 31 -23.49 34.61 6.88
CA GLN A 31 -24.07 35.73 7.63
C GLN A 31 -23.34 37.05 7.36
N LEU A 32 -22.02 37.00 7.30
CA LEU A 32 -21.21 38.19 6.99
C LEU A 32 -21.44 38.65 5.56
N LEU A 33 -21.61 37.69 4.65
CA LEU A 33 -21.90 37.97 3.25
C LEU A 33 -23.22 38.71 3.11
N TRP A 34 -24.28 38.12 3.65
CA TRP A 34 -25.63 38.72 3.55
C TRP A 34 -25.71 40.08 4.21
N HIS A 35 -24.96 40.28 5.29
CA HIS A 35 -24.89 41.58 5.93
C HIS A 35 -24.22 42.65 5.04
N ARG A 36 -23.30 42.23 4.18
CA ARG A 36 -22.61 43.12 3.24
C ARG A 36 -23.38 43.29 1.93
N ALA A 37 -24.04 42.22 1.47
CA ALA A 37 -24.80 42.22 0.21
C ALA A 37 -25.92 43.26 0.27
N GLN A 38 -26.62 43.30 1.42
CA GLN A 38 -27.49 44.42 1.82
C GLN A 38 -27.23 45.77 1.13
N TYR A 39 -25.98 46.20 1.17
CA TYR A 39 -25.56 47.51 0.68
C TYR A 39 -24.86 47.42 -0.69
N GLU A 40 -25.32 46.48 -1.52
CA GLU A 40 -24.82 46.29 -2.88
C GLU A 40 -26.01 46.07 -3.83
N PRO A 41 -25.84 46.35 -5.15
CA PRO A 41 -26.92 46.21 -6.12
C PRO A 41 -27.59 44.85 -6.17
N LEU A 42 -28.90 44.86 -6.40
CA LEU A 42 -29.71 43.68 -6.71
C LEU A 42 -29.99 42.76 -5.53
N PHE A 43 -29.88 43.28 -4.29
CA PHE A 43 -30.08 42.46 -3.09
C PHE A 43 -31.51 41.94 -2.96
N HIS A 44 -32.49 42.79 -3.27
CA HIS A 44 -33.92 42.45 -3.16
C HIS A 44 -34.34 41.20 -3.96
N MET A 45 -33.60 40.90 -5.03
CA MET A 45 -33.84 39.71 -5.86
C MET A 45 -33.37 38.39 -5.21
N LEU A 46 -32.44 38.46 -4.25
CA LEU A 46 -31.90 37.24 -3.62
C LEU A 46 -32.94 36.55 -2.76
N SER A 47 -32.95 35.21 -2.79
CA SER A 47 -33.62 34.42 -1.77
C SER A 47 -32.87 34.52 -0.42
N GLY A 48 -33.43 33.96 0.63
CA GLY A 48 -32.76 33.89 1.93
C GLY A 48 -31.48 33.04 1.88
N PRO A 49 -30.56 33.24 2.86
CA PRO A 49 -29.25 32.56 2.88
C PRO A 49 -29.34 31.04 2.79
N GLU A 50 -30.31 30.45 3.49
CA GLU A 50 -30.51 29.00 3.50
C GLU A 50 -30.91 28.41 2.14
N ALA A 51 -31.38 29.25 1.21
CA ALA A 51 -31.74 28.81 -0.15
C ALA A 51 -30.55 28.43 -1.01
N TYR A 52 -29.37 28.98 -0.68
CA TYR A 52 -28.13 28.75 -1.45
C TYR A 52 -27.08 27.93 -0.69
N VAL A 53 -26.20 27.30 -1.48
CA VAL A 53 -24.98 26.64 -0.99
C VAL A 53 -23.76 27.29 -1.61
N PHE A 54 -22.71 27.43 -0.83
CA PHE A 54 -21.42 27.91 -1.37
C PHE A 54 -20.76 26.82 -2.24
N THR A 55 -19.94 27.28 -3.17
CA THR A 55 -19.25 26.43 -4.13
C THR A 55 -17.83 26.96 -4.30
N CYS A 56 -16.85 26.06 -4.37
CA CYS A 56 -15.43 26.44 -4.57
C CYS A 56 -14.76 25.47 -5.50
N ILE A 57 -13.55 25.82 -5.92
CA ILE A 57 -12.66 24.88 -6.61
C ILE A 57 -11.72 24.32 -5.55
N ASN A 58 -11.89 23.03 -5.22
CA ASN A 58 -11.09 22.39 -4.17
C ASN A 58 -9.63 22.11 -4.59
N GLN A 59 -8.84 21.57 -3.67
CA GLN A 59 -7.40 21.34 -3.89
C GLN A 59 -7.12 20.37 -5.04
N THR A 60 -8.06 19.45 -5.27
CA THR A 60 -7.99 18.51 -6.41
C THR A 60 -8.62 19.05 -7.74
N ALA A 61 -8.83 20.37 -7.82
CA ALA A 61 -9.24 21.06 -9.07
C ALA A 61 -10.66 20.74 -9.55
N GLU A 62 -11.56 20.46 -8.61
CA GLU A 62 -12.96 20.22 -8.91
C GLU A 62 -13.88 21.14 -8.12
N GLN A 63 -15.05 21.43 -8.70
CA GLN A 63 -16.08 22.20 -8.00
C GLN A 63 -16.69 21.32 -6.93
N GLN A 64 -16.90 21.89 -5.74
CA GLN A 64 -17.45 21.17 -4.59
C GLN A 64 -18.58 21.99 -3.99
N GLU A 65 -19.79 21.46 -4.00
CA GLU A 65 -20.90 22.07 -3.30
C GLU A 65 -20.74 21.84 -1.79
N LEU A 66 -20.48 22.92 -1.06
CA LEU A 66 -20.11 22.86 0.36
C LEU A 66 -21.31 22.67 1.29
N GLU A 67 -21.87 21.47 1.24
CA GLU A 67 -23.11 21.14 1.96
C GLU A 67 -23.02 21.17 3.49
N ASP A 68 -21.84 20.94 4.06
CA ASP A 68 -21.66 21.02 5.50
C ASP A 68 -21.14 22.40 5.81
N GLU A 69 -21.98 23.20 6.47
CA GLU A 69 -21.65 24.60 6.78
C GLU A 69 -21.10 24.81 8.19
N GLN A 70 -21.01 23.74 8.98
CA GLN A 70 -20.31 23.78 10.29
C GLN A 70 -18.83 23.42 10.09
N ARG A 71 -18.25 23.96 9.02
CA ARG A 71 -17.00 23.50 8.45
C ARG A 71 -16.16 24.74 8.19
N ARG A 72 -14.93 24.75 8.71
CA ARG A 72 -14.08 25.94 8.66
C ARG A 72 -13.47 26.07 7.27
N LEU A 73 -13.31 27.32 6.82
CA LEU A 73 -12.74 27.62 5.50
C LEU A 73 -11.31 27.10 5.34
N CYS A 74 -10.55 27.06 6.43
CA CYS A 74 -9.21 26.45 6.43
C CYS A 74 -9.28 24.93 6.20
N ASP A 75 -10.36 24.31 6.63
CA ASP A 75 -10.58 22.86 6.40
C ASP A 75 -11.22 22.55 5.04
N VAL A 76 -11.82 23.55 4.39
CA VAL A 76 -12.33 23.39 3.03
C VAL A 76 -11.16 23.37 2.05
N GLN A 77 -10.19 24.27 2.27
CA GLN A 77 -9.01 24.41 1.40
C GLN A 77 -9.40 24.65 -0.05
N PRO A 78 -9.97 25.84 -0.34
CA PRO A 78 -10.29 26.15 -1.71
C PRO A 78 -9.01 26.55 -2.42
N PHE A 79 -8.94 26.29 -3.72
CA PHE A 79 -7.73 26.57 -4.49
C PHE A 79 -7.33 28.03 -4.32
N LEU A 80 -8.21 28.93 -4.76
CA LEU A 80 -8.12 30.34 -4.39
C LEU A 80 -9.38 30.63 -3.57
N PRO A 81 -9.35 31.71 -2.76
CA PRO A 81 -10.48 31.98 -1.87
C PRO A 81 -11.64 32.61 -2.65
N VAL A 82 -12.41 31.75 -3.31
CA VAL A 82 -13.50 32.15 -4.20
C VAL A 82 -14.71 31.29 -3.87
N LEU A 83 -15.79 31.93 -3.45
CA LEU A 83 -17.01 31.25 -3.06
C LEU A 83 -18.18 31.72 -3.92
N ARG A 84 -18.86 30.79 -4.58
CA ARG A 84 -19.97 31.09 -5.47
C ARG A 84 -21.29 30.56 -4.89
N LEU A 85 -22.28 31.43 -4.78
CA LEU A 85 -23.61 31.03 -4.36
C LEU A 85 -24.35 30.39 -5.53
N VAL A 86 -24.86 29.19 -5.31
CA VAL A 86 -25.62 28.42 -6.31
C VAL A 86 -26.84 27.81 -5.63
N ALA A 87 -27.78 27.34 -6.45
CA ALA A 87 -29.03 26.78 -5.94
C ALA A 87 -28.82 25.46 -5.23
N ARG A 88 -29.61 25.23 -4.18
CA ARG A 88 -29.61 23.97 -3.44
C ARG A 88 -30.43 22.98 -4.27
N GLU A 89 -29.84 22.52 -5.37
CA GLU A 89 -30.55 21.98 -6.53
C GLU A 89 -30.03 20.61 -6.94
N GLY A 90 -30.94 19.76 -7.45
CA GLY A 90 -30.59 18.46 -7.97
C GLY A 90 -30.36 17.46 -6.85
N ASP A 91 -29.75 16.33 -7.19
CA ASP A 91 -29.44 15.28 -6.23
C ASP A 91 -28.22 15.70 -5.39
N ARG A 92 -28.48 16.09 -4.14
CA ARG A 92 -27.41 16.46 -3.21
C ARG A 92 -26.50 15.28 -2.87
N VAL A 93 -27.07 14.07 -2.84
CA VAL A 93 -26.39 12.86 -2.39
C VAL A 93 -25.25 12.46 -3.34
N LYS A 94 -25.53 12.40 -4.63
CA LYS A 94 -24.51 12.01 -5.63
C LYS A 94 -23.43 13.07 -5.86
N LYS A 95 -23.80 14.35 -5.75
CA LYS A 95 -22.82 15.45 -5.84
C LYS A 95 -21.88 15.51 -4.63
N LEU A 96 -22.43 15.23 -3.44
CA LEU A 96 -21.65 15.23 -2.19
C LEU A 96 -20.63 14.07 -2.13
N ILE A 97 -21.08 12.85 -2.44
CA ILE A 97 -20.22 11.66 -2.37
C ILE A 97 -19.06 11.73 -3.37
N ASN A 98 -19.35 12.13 -4.61
CA ASN A 98 -18.30 12.30 -5.64
C ASN A 98 -17.20 13.26 -5.22
N SER A 99 -17.59 14.34 -4.54
CA SER A 99 -16.64 15.34 -4.05
C SER A 99 -15.76 14.79 -2.92
N GLN A 100 -16.39 14.11 -1.96
CA GLN A 100 -15.68 13.50 -0.84
C GLN A 100 -14.76 12.34 -1.29
N ILE A 101 -15.21 11.57 -2.28
CA ILE A 101 -14.37 10.53 -2.90
C ILE A 101 -13.04 11.12 -3.39
N SER A 102 -13.12 12.26 -4.07
CA SER A 102 -11.94 12.93 -4.63
C SER A 102 -10.95 13.39 -3.57
N LEU A 103 -11.47 13.93 -2.48
CA LEU A 103 -10.64 14.39 -1.36
C LEU A 103 -10.08 13.23 -0.53
N LEU A 104 -10.80 12.12 -0.49
CA LEU A 104 -10.39 10.96 0.32
C LEU A 104 -9.24 10.20 -0.36
N ILE A 105 -9.42 9.87 -1.63
CA ILE A 105 -8.42 9.09 -2.39
C ILE A 105 -7.24 9.92 -2.90
N GLY A 106 -7.26 11.24 -2.68
CA GLY A 106 -6.19 12.14 -3.14
C GLY A 106 -6.08 12.32 -4.65
N LYS A 107 -7.14 12.01 -5.39
CA LYS A 107 -7.17 12.12 -6.85
C LYS A 107 -8.57 12.48 -7.33
N GLY A 108 -8.68 13.58 -8.08
CA GLY A 108 -9.97 14.05 -8.59
C GLY A 108 -10.61 13.10 -9.59
N LEU A 109 -11.88 12.79 -9.40
CA LEU A 109 -12.61 11.87 -10.28
C LEU A 109 -12.65 12.34 -11.75
N HIS A 110 -12.57 13.65 -11.98
CA HIS A 110 -12.48 14.21 -13.33
C HIS A 110 -11.24 13.71 -14.08
N GLU A 111 -10.16 13.41 -13.36
CA GLU A 111 -8.95 12.84 -13.97
C GLU A 111 -9.21 11.50 -14.63
N PHE A 112 -10.18 10.73 -14.12
CA PHE A 112 -10.62 9.50 -14.77
C PHE A 112 -11.39 9.78 -16.07
N ASP A 113 -12.33 10.72 -16.01
CA ASP A 113 -13.07 11.18 -17.20
C ASP A 113 -12.13 11.68 -18.30
N SER A 114 -11.18 12.53 -17.92
CA SER A 114 -10.25 13.18 -18.86
C SER A 114 -9.43 12.26 -19.76
N LEU A 115 -9.18 11.03 -19.30
CA LEU A 115 -8.43 10.04 -20.09
C LEU A 115 -9.14 9.62 -21.38
N CYS A 116 -10.47 9.72 -21.42
CA CYS A 116 -11.30 9.31 -22.56
C CYS A 116 -11.12 7.83 -22.89
N ASP A 117 -10.95 7.03 -21.84
CA ASP A 117 -10.55 5.62 -21.93
C ASP A 117 -11.80 4.74 -21.74
N PRO A 118 -12.14 3.90 -22.75
CA PRO A 118 -13.29 2.99 -22.58
C PRO A 118 -13.12 2.02 -21.40
N GLU A 119 -11.93 1.44 -21.26
CA GLU A 119 -11.62 0.49 -20.17
C GLU A 119 -11.87 1.06 -18.79
N VAL A 120 -11.46 2.31 -18.59
CA VAL A 120 -11.70 3.03 -17.34
C VAL A 120 -13.20 3.29 -17.17
N ASN A 121 -13.84 3.81 -18.21
CA ASN A 121 -15.29 4.07 -18.18
C ASN A 121 -16.11 2.81 -17.92
N ASP A 122 -15.72 1.69 -18.53
CA ASP A 122 -16.41 0.40 -18.31
C ASP A 122 -16.17 -0.16 -16.90
N PHE A 123 -14.98 0.06 -16.34
CA PHE A 123 -14.67 -0.33 -14.96
C PHE A 123 -15.54 0.45 -13.98
N ARG A 124 -15.49 1.76 -14.08
CA ARG A 124 -16.26 2.67 -13.20
C ARG A 124 -17.76 2.35 -13.21
N ALA A 125 -18.30 2.15 -14.39
CA ALA A 125 -19.72 1.79 -14.56
C ALA A 125 -20.08 0.50 -13.87
N LYS A 126 -19.31 -0.56 -14.13
CA LYS A 126 -19.59 -1.90 -13.57
C LYS A 126 -19.34 -1.98 -12.07
N MET A 127 -18.22 -1.44 -11.60
CA MET A 127 -17.80 -1.60 -10.19
C MET A 127 -18.60 -0.73 -9.23
N CYS A 128 -18.81 0.53 -9.60
CA CYS A 128 -19.68 1.41 -8.82
C CYS A 128 -21.12 0.89 -8.75
N GLN A 129 -21.60 0.31 -9.85
CA GLN A 129 -22.93 -0.34 -9.90
C GLN A 129 -22.99 -1.56 -8.96
N PHE A 130 -21.97 -2.41 -9.04
CA PHE A 130 -21.89 -3.60 -8.19
C PHE A 130 -21.75 -3.24 -6.70
N CYS A 131 -20.90 -2.25 -6.42
CA CYS A 131 -20.67 -1.83 -5.04
C CYS A 131 -21.87 -1.12 -4.41
N GLU A 132 -22.55 -0.26 -5.17
CA GLU A 132 -23.80 0.36 -4.71
C GLU A 132 -24.88 -0.70 -4.43
N GLU A 133 -24.99 -1.69 -5.32
CA GLU A 133 -25.96 -2.79 -5.15
C GLU A 133 -25.76 -3.52 -3.83
N ALA A 134 -24.52 -3.92 -3.57
CA ALA A 134 -24.12 -4.59 -2.32
C ALA A 134 -24.42 -3.74 -1.09
N ALA A 135 -24.12 -2.44 -1.16
CA ALA A 135 -24.40 -1.52 -0.05
C ALA A 135 -25.90 -1.30 0.19
N ALA A 136 -26.67 -1.19 -0.89
CA ALA A 136 -28.14 -1.10 -0.79
C ALA A 136 -28.73 -2.41 -0.27
N ARG A 137 -28.20 -3.52 -0.76
CA ARG A 137 -28.53 -4.86 -0.25
C ARG A 137 -28.13 -5.03 1.23
N ARG A 138 -26.99 -4.45 1.63
CA ARG A 138 -26.55 -4.48 3.03
C ARG A 138 -27.55 -3.81 3.97
N GLN A 139 -28.11 -2.68 3.55
CA GLN A 139 -28.95 -1.85 4.41
C GLN A 139 -30.34 -2.47 4.73
N GLN A 140 -30.80 -3.38 3.88
CA GLN A 140 -32.11 -4.05 4.06
C GLN A 140 -32.15 -4.98 5.26
N LEU A 141 -31.08 -5.77 5.44
CA LEU A 141 -31.01 -6.81 6.48
C LEU A 141 -30.97 -6.26 7.90
N GLY A 142 -31.19 -7.14 8.88
CA GLY A 142 -31.35 -6.77 10.29
C GLY A 142 -30.08 -6.41 11.04
N TRP A 143 -30.24 -6.22 12.35
CA TRP A 143 -29.15 -5.81 13.24
C TRP A 143 -28.09 -6.89 13.50
N GLU A 144 -28.47 -8.17 13.37
CA GLU A 144 -27.51 -9.27 13.47
C GLU A 144 -26.50 -9.17 12.31
N ALA A 145 -27.03 -9.17 11.09
CA ALA A 145 -26.25 -9.04 9.87
C ALA A 145 -25.34 -7.81 9.85
N TRP A 146 -25.87 -6.68 10.32
CA TRP A 146 -25.14 -5.41 10.26
C TRP A 146 -23.98 -5.32 11.27
N LEU A 147 -24.20 -5.83 12.48
CA LEU A 147 -23.15 -5.85 13.51
C LEU A 147 -21.96 -6.71 13.07
N GLN A 148 -22.25 -7.79 12.33
CA GLN A 148 -21.22 -8.69 11.78
C GLN A 148 -20.44 -8.06 10.62
N TYR A 149 -21.12 -7.23 9.81
CA TYR A 149 -20.44 -6.40 8.80
C TYR A 149 -19.54 -5.39 9.49
N SER A 150 -20.08 -4.71 10.48
CA SER A 150 -19.47 -3.51 11.03
C SER A 150 -18.38 -3.82 12.06
N PHE A 151 -18.71 -4.69 13.01
CA PHE A 151 -17.81 -5.04 14.10
C PHE A 151 -17.69 -6.56 14.17
N PRO A 152 -16.97 -7.16 13.20
CA PRO A 152 -16.82 -8.62 13.18
C PRO A 152 -15.97 -9.10 14.35
N LEU A 153 -16.17 -10.36 14.73
CA LEU A 153 -15.61 -10.90 15.97
C LEU A 153 -14.08 -10.95 15.94
N GLN A 154 -13.47 -10.43 17.00
CA GLN A 154 -12.04 -10.58 17.24
C GLN A 154 -11.83 -11.78 18.16
N LEU A 155 -11.32 -12.88 17.60
CA LEU A 155 -11.17 -14.14 18.31
C LEU A 155 -9.73 -14.62 18.29
N GLU A 156 -9.36 -15.35 19.35
CA GLU A 156 -8.08 -16.06 19.42
C GLU A 156 -8.19 -17.33 18.58
N PRO A 157 -7.08 -17.79 17.96
CA PRO A 157 -7.09 -19.11 17.32
C PRO A 157 -7.17 -20.28 18.31
N LEU A 169 -6.10 -25.69 27.53
CA LEU A 169 -7.44 -25.11 27.47
C LEU A 169 -8.22 -25.37 28.77
N PRO A 170 -7.90 -24.62 29.86
CA PRO A 170 -8.59 -24.82 31.14
C PRO A 170 -10.04 -24.30 31.16
N ASN A 171 -10.72 -24.49 32.28
CA ASN A 171 -12.12 -24.08 32.45
C ASN A 171 -12.42 -23.55 33.87
N ARG A 172 -11.75 -22.45 34.22
CA ARG A 172 -11.93 -21.77 35.51
C ARG A 172 -13.04 -20.71 35.42
N ALA A 173 -13.14 -19.83 36.43
CA ALA A 173 -14.16 -18.78 36.47
C ALA A 173 -13.68 -17.54 37.22
N LEU A 174 -14.09 -16.36 36.74
CA LEU A 174 -13.77 -15.07 37.37
C LEU A 174 -14.84 -14.01 37.08
N LEU A 175 -14.94 -13.02 37.96
CA LEU A 175 -16.01 -12.00 37.88
C LEU A 175 -15.86 -11.03 36.71
N VAL A 176 -16.98 -10.36 36.39
CA VAL A 176 -17.08 -9.45 35.23
C VAL A 176 -17.97 -8.24 35.56
N ASN A 177 -17.52 -7.05 35.16
CA ASN A 177 -18.28 -5.81 35.35
C ASN A 177 -19.20 -5.59 34.15
N VAL A 178 -20.51 -5.62 34.39
CA VAL A 178 -21.54 -5.44 33.36
C VAL A 178 -22.49 -4.31 33.75
N LYS A 179 -22.90 -3.52 32.77
CA LYS A 179 -23.89 -2.45 32.95
C LYS A 179 -24.71 -2.23 31.67
N PHE A 180 -25.60 -1.24 31.69
CA PHE A 180 -26.44 -0.88 30.53
C PHE A 180 -26.09 0.52 30.03
N GLU A 181 -26.57 0.83 28.83
CA GLU A 181 -26.22 2.06 28.14
C GLU A 181 -27.01 3.24 28.71
N GLY A 182 -26.29 4.29 29.14
CA GLY A 182 -26.90 5.45 29.78
C GLY A 182 -27.30 5.15 31.22
N SER A 183 -26.32 4.72 32.01
CA SER A 183 -26.54 4.37 33.42
C SER A 183 -25.23 4.35 34.22
N GLU A 184 -25.28 4.93 35.42
CA GLU A 184 -24.11 5.05 36.30
C GLU A 184 -23.85 3.78 37.11
N GLU A 185 -24.92 3.13 37.59
CA GLU A 185 -24.81 1.93 38.43
C GLU A 185 -24.36 0.71 37.62
N SER A 186 -23.44 -0.06 38.22
CA SER A 186 -22.81 -1.21 37.57
C SER A 186 -22.93 -2.48 38.42
N PHE A 187 -22.82 -3.64 37.75
CA PHE A 187 -23.07 -4.95 38.36
C PHE A 187 -21.89 -5.89 38.21
N THR A 188 -21.19 -6.17 39.33
CA THR A 188 -20.13 -7.16 39.38
C THR A 188 -20.71 -8.52 39.76
N PHE A 189 -20.38 -9.56 38.99
CA PHE A 189 -20.86 -10.93 39.26
C PHE A 189 -20.08 -12.00 38.51
N GLN A 190 -20.16 -13.24 38.99
CA GLN A 190 -19.35 -14.35 38.48
C GLN A 190 -19.84 -14.91 37.14
N VAL A 191 -18.90 -15.45 36.38
CA VAL A 191 -19.19 -16.13 35.11
C VAL A 191 -17.98 -16.97 34.71
N SER A 192 -18.22 -18.17 34.20
CA SER A 192 -17.13 -19.09 33.82
C SER A 192 -16.47 -18.68 32.50
N THR A 193 -15.27 -19.22 32.26
CA THR A 193 -14.51 -18.94 31.06
C THR A 193 -15.11 -19.58 29.80
N LYS A 194 -15.89 -20.65 29.96
CA LYS A 194 -16.48 -21.39 28.83
C LYS A 194 -17.98 -21.10 28.60
N ASP A 195 -18.47 -19.98 29.12
CA ASP A 195 -19.86 -19.55 28.88
C ASP A 195 -20.01 -18.89 27.50
N VAL A 196 -21.08 -19.24 26.79
CA VAL A 196 -21.49 -18.56 25.55
C VAL A 196 -22.12 -17.21 25.94
N PRO A 197 -21.88 -16.14 25.15
CA PRO A 197 -22.35 -14.79 25.53
C PRO A 197 -23.88 -14.61 25.60
N LEU A 198 -24.65 -15.48 24.94
CA LEU A 198 -26.12 -15.47 25.06
C LEU A 198 -26.57 -15.69 26.50
N ALA A 199 -25.91 -16.61 27.21
CA ALA A 199 -26.21 -16.90 28.61
C ALA A 199 -25.79 -15.78 29.57
N LEU A 200 -24.63 -15.16 29.30
CA LEU A 200 -24.08 -14.10 30.17
C LEU A 200 -24.91 -12.82 30.19
N MET A 201 -25.61 -12.52 29.08
CA MET A 201 -26.51 -11.37 28.99
C MET A 201 -27.73 -11.53 29.91
N ALA A 202 -28.31 -12.72 29.90
CA ALA A 202 -29.46 -13.07 30.77
C ALA A 202 -29.17 -12.86 32.26
N CYS A 203 -27.94 -13.19 32.68
CA CYS A 203 -27.50 -13.02 34.06
C CYS A 203 -27.57 -11.55 34.52
N ALA A 204 -27.09 -10.64 33.67
CA ALA A 204 -27.18 -9.19 33.91
C ALA A 204 -28.61 -8.66 33.74
N LEU A 205 -29.38 -9.28 32.84
CA LEU A 205 -30.79 -8.93 32.63
C LEU A 205 -31.65 -9.17 33.88
N ARG A 206 -31.27 -10.17 34.68
CA ARG A 206 -31.88 -10.40 36.00
C ARG A 206 -31.41 -9.31 36.96
N LYS A 207 -32.05 -8.15 36.86
CA LYS A 207 -31.68 -6.96 37.64
C LYS A 207 -32.36 -6.99 39.00
N LYS A 208 -33.71 -6.94 39.00
CA LYS A 208 -34.51 -6.99 40.22
C LYS A 208 -34.81 -8.43 40.57
N ALA A 209 -35.49 -9.13 39.64
CA ALA A 209 -35.86 -10.54 39.80
C ALA A 209 -34.80 -11.43 39.15
N VAL A 217 -39.76 -7.99 31.59
CA VAL A 217 -39.43 -6.61 31.24
C VAL A 217 -38.74 -6.53 29.86
N GLU A 218 -37.60 -7.21 29.74
CA GLU A 218 -36.82 -7.28 28.50
C GLU A 218 -36.27 -8.70 28.28
N GLN A 219 -36.03 -9.04 27.02
CA GLN A 219 -35.46 -10.36 26.63
C GLN A 219 -34.00 -10.17 26.20
N PRO A 220 -33.09 -11.07 26.63
CA PRO A 220 -31.66 -10.90 26.29
C PRO A 220 -31.26 -11.20 24.84
N GLU A 221 -32.14 -11.83 24.06
CA GLU A 221 -31.91 -12.01 22.62
C GLU A 221 -32.12 -10.72 21.78
N ASP A 222 -32.62 -9.66 22.41
CA ASP A 222 -32.71 -8.33 21.80
C ASP A 222 -31.54 -7.44 22.23
N TYR A 223 -30.38 -8.05 22.48
CA TYR A 223 -29.22 -7.34 23.05
C TYR A 223 -27.89 -7.91 22.54
N THR A 224 -26.83 -7.12 22.75
CA THR A 224 -25.46 -7.54 22.50
C THR A 224 -24.53 -6.87 23.51
N LEU A 225 -23.41 -7.53 23.81
CA LEU A 225 -22.41 -6.98 24.74
C LEU A 225 -21.37 -6.18 23.95
N GLN A 226 -20.97 -5.04 24.50
CA GLN A 226 -19.95 -4.15 23.92
C GLN A 226 -18.87 -3.87 24.96
N VAL A 227 -17.60 -4.01 24.57
CA VAL A 227 -16.48 -3.64 25.42
C VAL A 227 -16.42 -2.11 25.43
N ASN A 228 -16.91 -1.49 26.50
CA ASN A 228 -17.03 -0.02 26.54
C ASN A 228 -15.69 0.71 26.36
N GLY A 229 -15.75 1.83 25.65
CA GLY A 229 -14.57 2.55 25.16
C GLY A 229 -13.91 1.98 23.92
N ARG A 230 -14.56 1.01 23.27
CA ARG A 230 -14.12 0.53 21.96
C ARG A 230 -15.27 -0.12 21.19
N HIS A 231 -15.18 -0.09 19.87
CA HIS A 231 -16.17 -0.76 19.02
C HIS A 231 -15.82 -2.24 18.84
N GLU A 232 -15.81 -2.98 19.94
CA GLU A 232 -15.64 -4.43 19.94
C GLU A 232 -16.84 -5.02 20.65
N TYR A 233 -17.37 -6.11 20.10
CA TYR A 233 -18.63 -6.67 20.55
C TYR A 233 -18.48 -8.17 20.77
N LEU A 234 -19.10 -8.65 21.85
CA LEU A 234 -19.03 -10.05 22.27
C LEU A 234 -20.36 -10.72 21.98
N TYR A 235 -20.40 -11.55 20.94
CA TYR A 235 -21.64 -12.19 20.49
C TYR A 235 -21.35 -13.48 19.71
N GLY A 236 -22.41 -14.20 19.36
CA GLY A 236 -22.30 -15.39 18.52
C GLY A 236 -22.00 -16.67 19.28
N SER A 237 -22.12 -17.81 18.60
CA SER A 237 -21.88 -19.13 19.20
C SER A 237 -20.38 -19.39 19.37
N TYR A 238 -19.80 -18.79 20.42
CA TYR A 238 -18.39 -18.96 20.77
C TYR A 238 -18.25 -18.73 22.28
N PRO A 239 -17.29 -19.39 22.94
CA PRO A 239 -17.15 -19.25 24.40
C PRO A 239 -16.47 -17.93 24.75
N LEU A 240 -16.64 -17.50 26.01
CA LEU A 240 -16.05 -16.23 26.47
C LEU A 240 -14.52 -16.19 26.34
N CYS A 241 -13.84 -17.30 26.59
CA CYS A 241 -12.37 -17.35 26.58
C CYS A 241 -11.74 -17.18 25.18
N GLN A 242 -12.48 -17.52 24.13
CA GLN A 242 -11.97 -17.37 22.75
C GLN A 242 -11.91 -15.94 22.22
N PHE A 243 -12.62 -15.00 22.87
CA PHE A 243 -12.58 -13.58 22.48
C PHE A 243 -11.25 -12.94 22.87
N GLN A 244 -10.85 -11.90 22.13
CA GLN A 244 -9.58 -11.21 22.40
C GLN A 244 -9.58 -10.40 23.70
N TYR A 245 -10.71 -9.76 24.02
CA TYR A 245 -10.82 -8.92 25.21
C TYR A 245 -10.77 -9.74 26.50
N ILE A 246 -11.61 -10.77 26.54
CA ILE A 246 -11.73 -11.65 27.71
C ILE A 246 -10.44 -12.42 27.97
N CYS A 247 -9.86 -12.97 26.89
CA CYS A 247 -8.55 -13.64 26.93
C CYS A 247 -7.43 -12.71 27.43
N SER A 248 -7.42 -11.48 26.91
CA SER A 248 -6.46 -10.46 27.35
C SER A 248 -6.67 -10.05 28.81
N CYS A 249 -7.93 -10.00 29.24
CA CYS A 249 -8.29 -9.69 30.62
C CYS A 249 -7.90 -10.79 31.61
N LEU A 250 -8.10 -12.05 31.22
CA LEU A 250 -7.78 -13.21 32.08
C LEU A 250 -6.29 -13.34 32.42
N HIS A 251 -5.44 -13.19 31.39
CA HIS A 251 -3.98 -13.35 31.55
C HIS A 251 -3.35 -12.24 32.41
N SER A 252 -3.76 -11.00 32.17
CA SER A 252 -3.26 -9.85 32.94
C SER A 252 -3.81 -9.83 34.37
N GLY A 253 -5.06 -10.25 34.54
CA GLY A 253 -5.72 -10.30 35.85
C GLY A 253 -6.52 -9.05 36.14
N LEU A 254 -7.47 -8.76 35.26
CA LEU A 254 -8.38 -7.61 35.39
C LEU A 254 -9.81 -8.00 35.02
N THR A 255 -10.77 -7.23 35.54
CA THR A 255 -12.19 -7.50 35.36
C THR A 255 -12.68 -6.97 33.99
N PRO A 256 -13.30 -7.83 33.16
CA PRO A 256 -13.86 -7.33 31.89
C PRO A 256 -14.99 -6.30 32.09
N HIS A 257 -14.75 -5.08 31.64
CA HIS A 257 -15.76 -4.01 31.65
C HIS A 257 -16.55 -4.04 30.34
N LEU A 258 -17.83 -4.41 30.44
CA LEU A 258 -18.72 -4.48 29.29
C LEU A 258 -19.95 -3.59 29.48
N THR A 259 -20.74 -3.47 28.41
CA THR A 259 -21.99 -2.71 28.41
C THR A 259 -23.04 -3.43 27.56
N MET A 260 -24.25 -3.51 28.08
CA MET A 260 -25.41 -4.02 27.33
C MET A 260 -25.91 -2.94 26.39
N VAL A 261 -26.32 -3.36 25.19
CA VAL A 261 -26.81 -2.44 24.15
C VAL A 261 -28.00 -3.06 23.41
N HIS A 262 -29.09 -2.29 23.27
CA HIS A 262 -30.33 -2.78 22.65
C HIS A 262 -30.20 -2.88 21.12
N SER A 263 -30.96 -3.80 20.52
CA SER A 263 -31.03 -3.93 19.06
C SER A 263 -31.47 -2.64 18.35
N SER A 264 -32.37 -1.90 18.98
CA SER A 264 -32.80 -0.57 18.49
C SER A 264 -31.66 0.44 18.43
N SER A 265 -30.76 0.39 19.41
CA SER A 265 -29.55 1.23 19.44
C SER A 265 -28.55 0.91 18.31
N ILE A 266 -28.54 -0.34 17.86
CA ILE A 266 -27.68 -0.79 16.75
C ILE A 266 -28.25 -0.33 15.40
N LEU A 267 -29.58 -0.35 15.28
CA LEU A 267 -30.26 0.22 14.12
C LEU A 267 -30.03 1.74 14.01
N ALA A 268 -29.93 2.42 15.16
CA ALA A 268 -29.59 3.85 15.21
C ALA A 268 -28.21 4.14 14.59
N MET A 269 -27.24 3.26 14.86
CA MET A 269 -25.95 3.29 14.17
C MET A 269 -26.12 3.01 12.68
N ARG A 270 -26.81 1.92 12.37
CA ARG A 270 -27.02 1.46 10.99
C ARG A 270 -27.61 2.52 10.04
N ASP A 271 -28.66 3.21 10.48
CA ASP A 271 -29.48 4.05 9.59
C ASP A 271 -28.73 5.24 8.95
N GLU A 272 -27.99 4.93 7.89
CA GLU A 272 -27.39 5.90 6.97
C GLU A 272 -27.43 5.29 5.56
N GLN A 273 -27.42 6.13 4.53
CA GLN A 273 -27.51 5.69 3.13
C GLN A 273 -26.53 6.43 2.23
N SER A 299 -11.39 -17.64 -36.71
CA SER A 299 -11.27 -16.24 -37.16
C SER A 299 -9.87 -15.68 -36.85
N LEU A 300 -9.43 -15.83 -35.61
CA LEU A 300 -8.05 -15.55 -35.21
C LEU A 300 -7.11 -16.66 -35.70
N TRP A 301 -7.56 -17.91 -35.56
CA TRP A 301 -6.77 -19.08 -35.96
C TRP A 301 -6.64 -19.27 -37.48
N SER A 302 -7.45 -18.54 -38.26
CA SER A 302 -7.29 -18.46 -39.72
C SER A 302 -6.12 -17.56 -40.17
N LEU A 303 -5.81 -16.53 -39.39
CA LEU A 303 -4.79 -15.54 -39.77
C LEU A 303 -3.36 -16.03 -39.51
N GLU A 304 -2.80 -16.76 -40.47
CA GLU A 304 -1.47 -17.39 -40.34
C GLU A 304 -0.28 -16.50 -40.80
N GLN A 305 -0.52 -15.21 -40.98
CA GLN A 305 0.56 -14.26 -41.32
C GLN A 305 1.45 -14.01 -40.10
N PRO A 306 2.78 -13.84 -40.31
CA PRO A 306 3.66 -13.51 -39.17
C PRO A 306 3.28 -12.21 -38.47
N PHE A 307 3.41 -12.17 -37.14
CA PHE A 307 3.18 -10.95 -36.38
C PHE A 307 4.28 -9.94 -36.68
N ARG A 308 3.90 -8.67 -36.79
CA ARG A 308 4.85 -7.59 -37.04
C ARG A 308 4.28 -6.23 -36.61
N ILE A 309 5.17 -5.25 -36.49
CA ILE A 309 4.79 -3.90 -36.05
C ILE A 309 5.65 -2.84 -36.75
N GLU A 310 5.06 -1.67 -36.99
CA GLU A 310 5.75 -0.53 -37.59
C GLU A 310 6.25 0.40 -36.50
N LEU A 311 7.56 0.57 -36.40
CA LEU A 311 8.17 1.55 -35.49
C LEU A 311 8.32 2.89 -36.22
N ILE A 312 7.41 3.82 -35.92
CA ILE A 312 7.37 5.11 -36.61
C ILE A 312 8.44 6.09 -36.07
N GLN A 313 8.23 6.59 -34.86
CA GLN A 313 9.02 7.68 -34.30
C GLN A 313 9.23 7.52 -32.80
N GLY A 314 10.25 8.20 -32.28
CA GLY A 314 10.41 8.46 -30.85
C GLY A 314 10.12 9.92 -30.54
N SER A 315 9.91 10.22 -29.26
CA SER A 315 9.56 11.58 -28.81
C SER A 315 10.13 11.86 -27.42
N LYS A 316 10.60 13.09 -27.22
CA LYS A 316 11.11 13.57 -25.93
C LYS A 316 12.26 12.72 -25.33
N VAL A 317 13.11 12.17 -26.20
CA VAL A 317 14.28 11.39 -25.76
C VAL A 317 15.37 12.35 -25.28
N ASN A 318 15.98 12.03 -24.15
CA ASN A 318 17.07 12.82 -23.57
C ASN A 318 18.30 11.94 -23.41
N ALA A 319 19.33 12.22 -24.20
CA ALA A 319 20.52 11.36 -24.24
C ALA A 319 21.78 12.09 -24.71
N ASP A 320 22.90 11.36 -24.74
CA ASP A 320 24.17 11.91 -25.18
C ASP A 320 24.17 12.03 -26.70
N GLU A 321 24.51 13.22 -27.20
CA GLU A 321 24.45 13.52 -28.64
C GLU A 321 25.48 12.75 -29.49
N ARG A 322 26.56 12.29 -28.85
CA ARG A 322 27.61 11.50 -29.53
C ARG A 322 27.11 10.13 -29.98
N MET A 323 26.31 9.49 -29.14
CA MET A 323 25.85 8.12 -29.34
C MET A 323 24.71 8.04 -30.37
N LYS A 324 24.21 6.82 -30.61
CA LYS A 324 23.01 6.60 -31.44
C LYS A 324 22.00 5.74 -30.67
N LEU A 325 20.71 5.92 -30.99
CA LEU A 325 19.63 5.24 -30.27
C LEU A 325 19.15 3.98 -30.98
N VAL A 326 18.87 2.94 -30.18
CA VAL A 326 18.37 1.65 -30.65
C VAL A 326 17.09 1.30 -29.87
N VAL A 327 16.17 0.59 -30.53
CA VAL A 327 14.93 0.13 -29.91
C VAL A 327 14.85 -1.40 -30.00
N GLN A 328 15.32 -2.07 -28.95
CA GLN A 328 15.20 -3.54 -28.81
C GLN A 328 13.78 -3.90 -28.38
N ALA A 329 13.25 -4.98 -28.93
CA ALA A 329 11.86 -5.39 -28.68
C ALA A 329 11.67 -6.91 -28.67
N GLY A 330 10.61 -7.36 -27.99
CA GLY A 330 10.29 -8.78 -27.89
C GLY A 330 8.87 -9.04 -27.41
N LEU A 331 8.33 -10.20 -27.79
CA LEU A 331 7.00 -10.64 -27.37
C LEU A 331 7.13 -11.51 -26.12
N PHE A 332 6.16 -11.41 -25.20
CA PHE A 332 6.22 -12.09 -23.90
C PHE A 332 4.89 -12.64 -23.42
N HIS A 333 4.97 -13.74 -22.67
CA HIS A 333 3.86 -14.27 -21.89
C HIS A 333 4.38 -14.67 -20.52
N GLY A 334 4.15 -13.81 -19.53
CA GLY A 334 4.72 -13.99 -18.19
C GLY A 334 6.19 -13.64 -18.22
N ASN A 335 7.01 -14.55 -17.70
CA ASN A 335 8.47 -14.36 -17.70
C ASN A 335 9.12 -14.74 -19.03
N GLU A 336 8.79 -15.93 -19.55
CA GLU A 336 9.47 -16.47 -20.74
C GLU A 336 8.98 -15.84 -22.05
N MET A 337 9.84 -15.90 -23.07
CA MET A 337 9.56 -15.30 -24.38
C MET A 337 8.66 -16.17 -25.24
N LEU A 338 7.91 -15.51 -26.12
CA LEU A 338 7.12 -16.19 -27.16
C LEU A 338 7.98 -16.47 -28.39
N CYS A 339 8.92 -15.57 -28.69
CA CYS A 339 9.90 -15.76 -29.78
C CYS A 339 11.17 -14.96 -29.52
N LYS A 340 12.12 -15.00 -30.45
CA LYS A 340 13.38 -14.24 -30.30
C LYS A 340 13.16 -12.73 -30.42
N THR A 341 14.13 -11.96 -29.89
CA THR A 341 14.01 -10.51 -29.80
C THR A 341 14.61 -9.85 -31.04
N VAL A 342 13.84 -8.96 -31.68
CA VAL A 342 14.31 -8.18 -32.83
C VAL A 342 14.98 -6.89 -32.36
N SER A 343 15.53 -6.13 -33.30
CA SER A 343 16.18 -4.84 -33.01
C SER A 343 16.15 -3.87 -34.20
N SER A 344 16.18 -2.57 -33.91
CA SER A 344 16.18 -1.51 -34.92
C SER A 344 17.60 -1.18 -35.39
N SER A 345 17.65 -0.37 -36.45
CA SER A 345 18.90 0.22 -36.91
C SER A 345 19.30 1.39 -36.01
N GLU A 346 20.58 1.74 -36.05
CA GLU A 346 21.13 2.80 -35.19
C GLU A 346 20.84 4.17 -35.79
N VAL A 347 19.66 4.71 -35.50
CA VAL A 347 19.34 6.12 -35.80
C VAL A 347 20.03 6.98 -34.74
N SER A 348 20.65 8.08 -35.17
CA SER A 348 21.49 8.91 -34.28
C SER A 348 20.67 9.63 -33.21
N VAL A 349 21.36 10.03 -32.13
CA VAL A 349 20.69 10.61 -30.97
C VAL A 349 20.15 12.00 -31.27
N CYS A 350 18.86 12.17 -30.98
CA CYS A 350 18.24 13.49 -30.91
C CYS A 350 17.01 13.38 -30.01
N SER A 351 16.32 14.51 -29.82
CA SER A 351 15.05 14.54 -29.10
C SER A 351 13.92 13.75 -29.79
N GLU A 352 13.89 13.79 -31.12
CA GLU A 352 12.78 13.26 -31.94
C GLU A 352 13.25 12.25 -33.00
N PRO A 353 13.84 11.12 -32.56
CA PRO A 353 14.41 10.16 -33.52
C PRO A 353 13.34 9.44 -34.35
N VAL A 354 13.61 9.26 -35.65
CA VAL A 354 12.65 8.64 -36.58
C VAL A 354 13.24 7.35 -37.18
N TRP A 355 12.41 6.31 -37.23
CA TRP A 355 12.83 4.98 -37.68
C TRP A 355 12.09 4.53 -38.94
N LYS A 356 10.75 4.55 -38.88
CA LYS A 356 9.86 4.07 -39.97
C LYS A 356 10.13 2.61 -40.43
N GLN A 357 10.61 1.78 -39.50
CA GLN A 357 10.99 0.40 -39.79
C GLN A 357 9.83 -0.56 -39.60
N ARG A 358 9.82 -1.61 -40.41
CA ARG A 358 9.00 -2.78 -40.18
C ARG A 358 9.80 -3.69 -39.26
N LEU A 359 9.19 -4.12 -38.15
CA LEU A 359 9.77 -5.10 -37.23
C LEU A 359 8.95 -6.37 -37.30
N GLU A 360 9.56 -7.47 -37.76
CA GLU A 360 8.89 -8.76 -37.93
C GLU A 360 9.39 -9.78 -36.91
N PHE A 361 8.45 -10.50 -36.29
CA PHE A 361 8.75 -11.46 -35.23
C PHE A 361 8.50 -12.88 -35.71
N ASP A 362 9.28 -13.83 -35.21
CA ASP A 362 9.14 -15.25 -35.61
C ASP A 362 8.00 -15.92 -34.86
N ILE A 363 6.77 -15.55 -35.25
CA ILE A 363 5.53 -16.12 -34.70
C ILE A 363 4.35 -15.59 -35.52
N ASN A 364 3.35 -16.44 -35.76
CA ASN A 364 2.14 -16.04 -36.48
C ASN A 364 1.12 -15.34 -35.58
N ILE A 365 0.23 -14.58 -36.22
CA ILE A 365 -0.84 -13.86 -35.51
C ILE A 365 -1.84 -14.82 -34.84
N CYS A 366 -2.06 -15.98 -35.45
CA CYS A 366 -2.89 -17.04 -34.86
C CYS A 366 -2.31 -17.70 -33.59
N ASP A 367 -0.99 -17.62 -33.40
CA ASP A 367 -0.31 -18.27 -32.27
C ASP A 367 -0.18 -17.41 -31.00
N LEU A 368 -0.57 -16.13 -31.08
CA LEU A 368 -0.47 -15.23 -29.92
C LEU A 368 -1.47 -15.64 -28.84
N PRO A 369 -1.00 -15.83 -27.59
CA PRO A 369 -1.94 -16.10 -26.49
C PRO A 369 -2.70 -14.84 -26.07
N ARG A 370 -3.78 -15.04 -25.31
CA ARG A 370 -4.64 -13.93 -24.86
C ARG A 370 -3.87 -12.83 -24.14
N MET A 371 -2.88 -13.23 -23.35
CA MET A 371 -2.08 -12.30 -22.55
C MET A 371 -0.70 -12.05 -23.16
N ALA A 372 -0.64 -12.01 -24.50
CA ALA A 372 0.61 -11.70 -25.21
C ALA A 372 0.98 -10.25 -24.95
N ARG A 373 2.28 -9.98 -24.87
CA ARG A 373 2.79 -8.75 -24.28
C ARG A 373 4.00 -8.23 -25.06
N LEU A 374 3.77 -7.25 -25.93
CA LEU A 374 4.84 -6.61 -26.69
C LEU A 374 5.58 -5.65 -25.78
N CYS A 375 6.89 -5.87 -25.62
CA CYS A 375 7.72 -5.12 -24.68
C CYS A 375 8.82 -4.37 -25.43
N PHE A 376 8.91 -3.06 -25.20
CA PHE A 376 9.92 -2.21 -25.85
C PHE A 376 10.95 -1.72 -24.84
N ALA A 377 12.19 -1.57 -25.30
CA ALA A 377 13.25 -0.90 -24.54
C ALA A 377 14.08 0.00 -25.47
N LEU A 378 14.14 1.29 -25.14
CA LEU A 378 14.98 2.24 -25.86
C LEU A 378 16.38 2.25 -25.24
N TYR A 379 17.39 1.97 -26.07
CA TYR A 379 18.78 1.85 -25.65
C TYR A 379 19.66 2.90 -26.32
N ALA A 380 20.71 3.32 -25.62
CA ALA A 380 21.72 4.25 -26.15
C ALA A 380 23.03 3.49 -26.37
N VAL A 381 23.29 3.12 -27.62
CA VAL A 381 24.47 2.32 -28.00
C VAL A 381 25.52 3.18 -28.72
N ILE A 382 26.78 2.79 -28.60
CA ILE A 382 27.88 3.37 -29.40
C ILE A 382 27.77 2.84 -30.85
N GLU A 383 28.32 3.58 -31.81
CA GLU A 383 28.19 3.30 -33.27
C GLU A 383 28.63 1.89 -33.76
N LYS A 384 29.37 1.16 -32.94
CA LYS A 384 29.87 -0.22 -33.23
C LYS A 384 30.97 -0.31 -34.29
N ALA A 385 31.64 0.81 -34.55
CA ALA A 385 32.81 0.85 -35.46
C ALA A 385 33.99 0.05 -34.90
N LYS A 386 34.14 0.06 -33.57
CA LYS A 386 35.20 -0.68 -32.88
C LYS A 386 34.91 -2.18 -32.90
N ASP A 399 26.50 -0.27 -22.83
CA ASP A 399 25.09 -0.22 -23.24
C ASP A 399 24.21 0.44 -22.18
N CYS A 400 23.52 1.51 -22.57
CA CYS A 400 22.70 2.33 -21.68
C CYS A 400 21.21 2.11 -21.94
N PRO A 401 20.48 1.45 -21.02
CA PRO A 401 19.02 1.42 -21.15
C PRO A 401 18.43 2.77 -20.76
N ILE A 402 17.71 3.40 -21.70
CA ILE A 402 17.12 4.72 -21.49
C ILE A 402 15.77 4.57 -20.79
N ALA A 403 14.89 3.80 -21.41
CA ALA A 403 13.50 3.68 -20.96
C ALA A 403 12.85 2.46 -21.58
N TRP A 404 11.65 2.13 -21.09
CA TRP A 404 10.92 0.93 -21.51
C TRP A 404 9.42 1.15 -21.50
N ALA A 405 8.71 0.25 -22.18
CA ALA A 405 7.25 0.32 -22.25
C ALA A 405 6.69 -1.02 -22.72
N ASN A 406 5.64 -1.50 -22.05
CA ASN A 406 4.98 -2.74 -22.42
C ASN A 406 3.56 -2.46 -22.83
N LEU A 407 3.02 -3.38 -23.65
CA LEU A 407 1.73 -3.22 -24.27
C LEU A 407 1.11 -4.59 -24.47
N MET A 408 -0.16 -4.72 -24.10
CA MET A 408 -0.93 -5.93 -24.40
C MET A 408 -1.37 -5.89 -25.86
N LEU A 409 -1.09 -6.97 -26.59
CA LEU A 409 -1.48 -7.08 -28.01
C LEU A 409 -3.00 -7.17 -28.20
N PHE A 410 -3.68 -7.86 -27.28
CA PHE A 410 -5.15 -7.87 -27.21
C PHE A 410 -5.61 -6.83 -26.18
N ASP A 411 -6.86 -6.39 -26.29
CA ASP A 411 -7.43 -5.36 -25.39
C ASP A 411 -8.38 -5.98 -24.37
N TYR A 412 -9.07 -5.15 -23.59
CA TYR A 412 -9.94 -5.64 -22.51
C TYR A 412 -11.22 -6.35 -22.97
N LYS A 413 -11.62 -6.16 -24.23
CA LYS A 413 -12.75 -6.90 -24.82
C LYS A 413 -12.28 -8.01 -25.77
N ASP A 414 -11.05 -8.51 -25.56
CA ASP A 414 -10.44 -9.61 -26.34
C ASP A 414 -10.10 -9.26 -27.80
N GLN A 415 -10.18 -7.98 -28.18
CA GLN A 415 -9.92 -7.55 -29.56
C GLN A 415 -8.42 -7.38 -29.77
N LEU A 416 -7.91 -8.02 -30.81
CA LEU A 416 -6.52 -7.80 -31.24
C LEU A 416 -6.39 -6.36 -31.73
N LYS A 417 -5.45 -5.62 -31.15
CA LYS A 417 -5.34 -4.18 -31.39
C LYS A 417 -4.84 -3.85 -32.79
N THR A 418 -5.37 -2.76 -33.36
CA THR A 418 -4.97 -2.26 -34.68
C THR A 418 -4.86 -0.73 -34.64
N GLY A 419 -3.99 -0.19 -35.49
CA GLY A 419 -3.81 1.26 -35.62
C GLY A 419 -2.66 1.81 -34.79
N GLU A 420 -2.61 3.15 -34.70
CA GLU A 420 -1.50 3.83 -34.01
C GLU A 420 -1.63 3.75 -32.49
N ARG A 421 -0.47 3.67 -31.83
CA ARG A 421 -0.38 3.75 -30.37
C ARG A 421 0.82 4.62 -30.02
N CYS A 422 0.65 5.48 -29.02
CA CYS A 422 1.74 6.30 -28.48
C CYS A 422 2.06 5.81 -27.06
N LEU A 423 3.12 5.00 -26.94
CA LEU A 423 3.52 4.39 -25.66
C LEU A 423 4.47 5.31 -24.89
N TYR A 424 3.94 5.99 -23.88
CA TYR A 424 4.73 6.87 -23.02
C TYR A 424 5.62 6.04 -22.08
N MET A 425 6.93 6.09 -22.32
CA MET A 425 7.89 5.16 -21.70
C MET A 425 8.27 5.53 -20.28
N TRP A 426 8.50 4.50 -19.47
CA TRP A 426 9.06 4.67 -18.12
C TRP A 426 10.58 4.54 -18.22
N PRO A 427 11.33 5.29 -17.40
CA PRO A 427 12.78 5.20 -17.50
C PRO A 427 13.34 3.94 -16.83
N SER A 428 14.38 3.37 -17.43
CA SER A 428 14.97 2.15 -16.97
C SER A 428 15.90 2.45 -15.78
N VAL A 429 15.53 1.94 -14.61
CA VAL A 429 16.39 1.99 -13.42
C VAL A 429 17.38 0.81 -13.52
N PRO A 430 18.70 1.07 -13.36
CA PRO A 430 19.68 0.00 -13.56
C PRO A 430 19.76 -0.97 -12.36
N ASP A 431 19.79 -2.27 -12.64
CA ASP A 431 19.75 -3.31 -11.60
C ASP A 431 20.75 -4.46 -11.87
N GLU A 432 20.81 -5.41 -10.94
CA GLU A 432 21.76 -6.55 -10.98
C GLU A 432 21.67 -7.36 -12.27
N LYS A 433 20.54 -8.04 -12.48
CA LYS A 433 20.30 -8.79 -13.71
C LYS A 433 19.85 -7.82 -14.79
N GLY A 434 20.82 -7.17 -15.42
CA GLY A 434 20.54 -6.18 -16.48
C GLY A 434 20.02 -6.83 -17.75
N GLU A 435 18.74 -7.19 -17.74
CA GLU A 435 18.09 -7.80 -18.90
C GLU A 435 17.81 -6.74 -19.96
N LEU A 436 17.61 -7.20 -21.20
CA LEU A 436 17.31 -6.31 -22.33
C LEU A 436 16.01 -5.55 -22.07
N LEU A 437 14.92 -6.31 -21.94
CA LEU A 437 13.58 -5.75 -21.77
C LEU A 437 13.10 -5.92 -20.34
N ASN A 438 11.98 -5.25 -20.02
CA ASN A 438 11.38 -5.27 -18.69
C ASN A 438 9.96 -5.84 -18.77
N PRO A 439 9.83 -7.15 -19.05
CA PRO A 439 8.51 -7.77 -19.23
C PRO A 439 7.65 -7.85 -17.96
N THR A 440 8.27 -7.78 -16.78
CA THR A 440 7.53 -7.77 -15.50
C THR A 440 6.98 -6.40 -15.13
N GLY A 441 7.41 -5.36 -15.84
CA GLY A 441 6.90 -4.01 -15.63
C GLY A 441 5.46 -3.87 -16.06
N THR A 442 4.80 -2.82 -15.54
CA THR A 442 3.39 -2.55 -15.83
C THR A 442 3.10 -2.30 -17.32
N VAL A 443 1.88 -2.64 -17.74
CA VAL A 443 1.38 -2.35 -19.09
C VAL A 443 0.71 -0.98 -19.19
N ARG A 444 0.50 -0.31 -18.04
CA ARG A 444 -0.14 1.01 -18.00
C ARG A 444 0.84 2.08 -18.49
N SER A 445 0.33 3.05 -19.23
CA SER A 445 1.14 4.12 -19.79
C SER A 445 1.56 5.11 -18.71
N ASN A 446 2.69 5.76 -18.91
CA ASN A 446 3.20 6.76 -17.97
C ASN A 446 2.22 7.92 -17.93
N PRO A 447 1.70 8.28 -16.73
CA PRO A 447 0.76 9.40 -16.65
C PRO A 447 1.36 10.81 -16.83
N ASN A 448 2.69 10.92 -16.88
CA ASN A 448 3.38 12.18 -17.19
C ASN A 448 3.47 12.37 -18.71
N THR A 449 2.31 12.53 -19.35
CA THR A 449 2.21 12.65 -20.82
C THR A 449 2.83 13.94 -21.38
N ASP A 450 2.92 14.98 -20.57
CA ASP A 450 3.52 16.26 -20.99
C ASP A 450 5.03 16.18 -21.24
N SER A 451 5.76 15.62 -20.28
CA SER A 451 7.23 15.66 -20.27
C SER A 451 7.96 14.34 -20.57
N ALA A 452 7.33 13.20 -20.27
CA ALA A 452 8.00 11.89 -20.37
C ALA A 452 8.22 11.44 -21.81
N ALA A 453 9.25 10.61 -22.00
CA ALA A 453 9.60 10.07 -23.33
C ALA A 453 8.48 9.21 -23.91
N ALA A 454 8.49 9.06 -25.23
CA ALA A 454 7.41 8.36 -25.93
C ALA A 454 7.91 7.65 -27.18
N LEU A 455 7.33 6.48 -27.46
CA LEU A 455 7.57 5.73 -28.69
C LEU A 455 6.26 5.66 -29.47
N LEU A 456 6.33 5.96 -30.76
CA LEU A 456 5.16 5.93 -31.64
C LEU A 456 5.23 4.66 -32.49
N ILE A 457 4.19 3.85 -32.42
CA ILE A 457 4.11 2.59 -33.18
C ILE A 457 2.74 2.45 -33.84
N CYS A 458 2.66 1.54 -34.81
CA CYS A 458 1.44 1.27 -35.54
C CYS A 458 1.29 -0.24 -35.80
N LEU A 459 0.34 -0.87 -35.11
CA LEU A 459 0.00 -2.26 -35.38
C LEU A 459 -0.73 -2.33 -36.73
N PRO A 460 -0.29 -3.22 -37.63
CA PRO A 460 -0.89 -3.29 -38.96
C PRO A 460 -2.27 -3.96 -38.94
N GLU A 461 -3.09 -3.65 -39.95
CA GLU A 461 -4.43 -4.24 -40.07
C GLU A 461 -4.32 -5.71 -40.48
N VAL A 462 -5.10 -6.57 -39.81
CA VAL A 462 -5.08 -8.02 -40.06
C VAL A 462 -6.23 -8.51 -40.95
N ALA A 463 -7.33 -7.77 -40.97
CA ALA A 463 -8.53 -8.13 -41.74
C ALA A 463 -9.50 -6.94 -41.88
N PRO A 464 -10.55 -7.07 -42.73
CA PRO A 464 -11.55 -6.00 -42.83
C PRO A 464 -12.36 -5.82 -41.55
N HIS A 465 -12.99 -6.90 -41.08
CA HIS A 465 -13.69 -6.91 -39.78
C HIS A 465 -12.67 -7.02 -38.64
N PRO A 466 -13.02 -6.52 -37.43
CA PRO A 466 -12.11 -6.63 -36.29
C PRO A 466 -12.03 -8.07 -35.75
N VAL A 467 -10.81 -8.57 -35.54
CA VAL A 467 -10.59 -9.93 -35.05
C VAL A 467 -10.45 -9.98 -33.53
N TYR A 468 -11.20 -10.88 -32.89
CA TYR A 468 -11.14 -11.10 -31.44
C TYR A 468 -10.25 -12.30 -31.14
N TYR A 469 -10.10 -12.61 -29.85
CA TYR A 469 -9.54 -13.89 -29.40
C TYR A 469 -10.72 -14.85 -29.24
N PRO A 470 -10.57 -16.13 -29.64
CA PRO A 470 -11.65 -17.13 -29.53
C PRO A 470 -12.25 -17.27 -28.13
N ALA A 471 -13.57 -17.38 -28.04
CA ALA A 471 -14.26 -17.57 -26.76
C ALA A 471 -14.03 -18.97 -26.20
N LEU A 472 -14.43 -19.17 -24.95
CA LEU A 472 -14.23 -20.42 -24.21
C LEU A 472 -14.74 -21.68 -24.93
N GLU A 473 -15.84 -21.55 -25.66
CA GLU A 473 -16.49 -22.69 -26.33
C GLU A 473 -15.63 -23.24 -27.46
N LYS A 474 -15.13 -22.35 -28.31
CA LYS A 474 -14.23 -22.72 -29.40
C LYS A 474 -12.82 -23.11 -28.93
N ILE A 475 -12.42 -22.62 -27.75
CA ILE A 475 -11.21 -23.10 -27.08
C ILE A 475 -11.40 -24.53 -26.57
N LEU A 476 -12.57 -24.81 -25.98
CA LEU A 476 -12.93 -26.17 -25.55
C LEU A 476 -13.25 -27.12 -26.72
N GLU A 477 -13.52 -26.57 -27.91
CA GLU A 477 -13.73 -27.40 -29.11
C GLU A 477 -12.40 -28.02 -29.56
N LEU A 478 -11.41 -27.18 -29.84
CA LEU A 478 -10.06 -27.66 -30.18
C LEU A 478 -9.31 -28.26 -28.98
N GLY A 479 -9.74 -27.94 -27.76
CA GLY A 479 -9.12 -28.46 -26.54
C GLY A 479 -9.29 -29.94 -26.28
N ARG A 480 -10.34 -30.54 -26.83
CA ARG A 480 -10.65 -31.98 -26.60
C ARG A 480 -9.61 -32.95 -27.15
N HIS A 481 -9.15 -32.71 -28.39
CA HIS A 481 -8.25 -33.63 -29.09
C HIS A 481 -6.83 -33.57 -28.52
N THR A 488 2.77 -49.59 -13.66
CA THR A 488 3.10 -50.50 -14.75
C THR A 488 4.05 -49.87 -15.77
N GLU A 489 3.71 -48.66 -16.22
CA GLU A 489 4.52 -47.94 -17.22
C GLU A 489 5.78 -47.33 -16.61
N GLU A 490 6.84 -47.25 -17.41
CA GLU A 490 8.06 -46.50 -17.04
C GLU A 490 7.82 -44.99 -17.02
N GLU A 491 6.82 -44.54 -17.80
CA GLU A 491 6.41 -43.13 -17.84
C GLU A 491 5.81 -42.66 -16.50
N GLN A 492 5.07 -43.55 -15.83
CA GLN A 492 4.45 -43.25 -14.52
C GLN A 492 5.49 -43.12 -13.39
N LEU A 493 6.58 -43.88 -13.48
CA LEU A 493 7.67 -43.80 -12.49
C LEU A 493 8.52 -42.54 -12.66
N GLN A 494 8.80 -42.18 -13.92
CA GLN A 494 9.57 -40.97 -14.25
C GLN A 494 8.82 -39.69 -13.88
N LEU A 495 7.52 -39.65 -14.20
CA LEU A 495 6.65 -38.51 -13.86
C LEU A 495 6.57 -38.27 -12.35
N ARG A 496 6.43 -39.37 -11.58
CA ARG A 496 6.43 -39.28 -10.12
C ARG A 496 7.73 -38.70 -9.59
N GLU A 497 8.87 -39.14 -10.14
CA GLU A 497 10.19 -38.66 -9.70
C GLU A 497 10.39 -37.14 -9.87
N ILE A 498 9.86 -36.58 -10.96
CA ILE A 498 9.96 -35.15 -11.23
C ILE A 498 9.05 -34.33 -10.30
N LEU A 499 7.85 -34.82 -10.04
CA LEU A 499 6.86 -34.11 -9.21
C LEU A 499 7.00 -34.39 -7.72
N GLU A 500 7.29 -35.63 -7.34
CA GLU A 500 7.51 -36.02 -5.93
C GLU A 500 8.93 -35.63 -5.49
N ARG A 501 9.15 -34.32 -5.34
CA ARG A 501 10.45 -33.77 -4.92
C ARG A 501 10.39 -33.32 -3.46
N ARG A 502 10.74 -34.25 -2.56
CA ARG A 502 10.73 -34.00 -1.12
C ARG A 502 12.04 -34.46 -0.47
N TYR A 508 13.65 -28.11 -17.09
CA TYR A 508 14.58 -28.93 -17.86
C TYR A 508 13.85 -29.57 -19.05
N GLU A 509 14.31 -29.26 -20.26
CA GLU A 509 13.53 -29.48 -21.49
C GLU A 509 13.13 -30.94 -21.75
N HIS A 510 13.97 -31.88 -21.32
CA HIS A 510 13.64 -33.32 -21.35
C HIS A 510 12.47 -33.62 -20.41
N GLU A 511 12.47 -33.00 -19.23
CA GLU A 511 11.42 -33.18 -18.22
C GLU A 511 10.12 -32.47 -18.62
N LYS A 512 10.26 -31.29 -19.25
CA LYS A 512 9.11 -30.50 -19.72
C LYS A 512 8.28 -31.25 -20.77
N ASP A 513 8.96 -31.82 -21.77
CA ASP A 513 8.29 -32.59 -22.83
C ASP A 513 7.71 -33.93 -22.35
N LEU A 514 8.24 -34.47 -21.25
CA LEU A 514 7.64 -35.63 -20.59
C LEU A 514 6.33 -35.24 -19.92
N VAL A 515 6.40 -34.19 -19.08
CA VAL A 515 5.24 -33.68 -18.35
C VAL A 515 4.10 -33.27 -19.29
N TRP A 516 4.45 -32.69 -20.44
CA TRP A 516 3.46 -32.30 -21.44
C TRP A 516 2.73 -33.49 -22.05
N LYS A 517 3.49 -34.53 -22.36
CA LYS A 517 2.92 -35.77 -22.92
C LYS A 517 1.93 -36.39 -21.93
N LEU A 518 2.33 -36.47 -20.66
CA LEU A 518 1.48 -37.04 -19.60
C LEU A 518 0.66 -35.98 -18.84
N ARG A 519 0.33 -34.88 -19.50
CA ARG A 519 -0.44 -33.79 -18.89
C ARG A 519 -1.79 -34.21 -18.32
N HIS A 520 -2.46 -35.17 -18.96
CA HIS A 520 -3.74 -35.70 -18.44
C HIS A 520 -3.52 -36.58 -17.20
N GLU A 521 -2.37 -37.26 -17.12
CA GLU A 521 -2.01 -38.03 -15.93
C GLU A 521 -1.60 -37.16 -14.74
N VAL A 522 -1.09 -35.95 -15.03
CA VAL A 522 -0.86 -34.94 -13.99
C VAL A 522 -2.18 -34.52 -13.34
N GLN A 523 -3.24 -34.36 -14.15
CA GLN A 523 -4.56 -33.97 -13.61
C GLN A 523 -5.18 -35.05 -12.73
N GLU A 524 -5.12 -36.30 -13.19
CA GLU A 524 -5.70 -37.43 -12.47
C GLU A 524 -4.95 -37.74 -11.17
N HIS A 525 -3.62 -37.76 -11.23
CA HIS A 525 -2.78 -38.26 -10.12
C HIS A 525 -1.99 -37.20 -9.36
N PHE A 526 -1.71 -36.05 -9.98
CA PHE A 526 -0.90 -34.99 -9.35
C PHE A 526 -1.57 -33.61 -9.45
N PRO A 527 -2.80 -33.46 -8.94
CA PRO A 527 -3.55 -32.21 -9.08
C PRO A 527 -2.85 -30.97 -8.51
N GLU A 528 -2.05 -31.15 -7.44
CA GLU A 528 -1.25 -30.05 -6.86
C GLU A 528 -0.05 -29.62 -7.71
N ALA A 529 0.26 -30.35 -8.78
CA ALA A 529 1.36 -30.01 -9.70
C ALA A 529 0.98 -29.11 -10.89
N LEU A 530 -0.26 -28.58 -10.92
CA LEU A 530 -0.74 -27.70 -12.00
C LEU A 530 0.22 -26.58 -12.35
N ALA A 531 0.79 -25.95 -11.33
CA ALA A 531 1.77 -24.87 -11.51
C ALA A 531 2.92 -25.29 -12.42
N ARG A 532 3.47 -26.48 -12.17
CA ARG A 532 4.56 -27.02 -13.00
C ARG A 532 4.11 -27.25 -14.44
N LEU A 533 2.88 -27.77 -14.60
CA LEU A 533 2.31 -28.04 -15.91
C LEU A 533 2.04 -26.77 -16.73
N LEU A 534 1.57 -25.70 -16.08
CA LEU A 534 1.36 -24.42 -16.76
C LEU A 534 2.67 -23.82 -17.30
N LEU A 535 3.77 -24.01 -16.58
CA LEU A 535 5.08 -23.54 -17.01
C LEU A 535 5.66 -24.35 -18.16
N VAL A 536 5.48 -25.66 -18.14
CA VAL A 536 5.98 -26.53 -19.23
C VAL A 536 5.20 -26.36 -20.54
N THR A 537 3.95 -25.90 -20.45
CA THR A 537 3.13 -25.59 -21.62
C THR A 537 3.79 -24.53 -22.52
N LYS A 538 3.71 -24.74 -23.83
CA LYS A 538 4.31 -23.84 -24.82
C LYS A 538 3.26 -22.84 -25.28
N TRP A 539 3.30 -21.64 -24.71
CA TRP A 539 2.28 -20.61 -24.93
C TRP A 539 2.41 -19.89 -26.27
N ASN A 540 3.51 -20.13 -26.99
CA ASN A 540 3.70 -19.65 -28.38
C ASN A 540 3.09 -20.56 -29.48
N LYS A 541 2.30 -21.56 -29.08
CA LYS A 541 1.52 -22.42 -29.99
C LYS A 541 0.08 -22.46 -29.50
N HIS A 542 -0.88 -22.03 -30.33
CA HIS A 542 -2.29 -21.99 -29.94
C HIS A 542 -2.94 -23.38 -29.78
N GLU A 543 -2.31 -24.41 -30.35
CA GLU A 543 -2.72 -25.80 -30.16
C GLU A 543 -2.50 -26.24 -28.71
N ASP A 544 -1.27 -26.03 -28.22
CA ASP A 544 -0.88 -26.39 -26.86
C ASP A 544 -1.65 -25.58 -25.82
N VAL A 545 -1.74 -24.26 -26.05
CA VAL A 545 -2.54 -23.38 -25.20
C VAL A 545 -3.98 -23.89 -25.08
N ALA A 546 -4.57 -24.26 -26.22
CA ALA A 546 -5.93 -24.80 -26.26
C ALA A 546 -6.10 -26.07 -25.43
N GLN A 547 -5.11 -26.96 -25.51
CA GLN A 547 -5.14 -28.23 -24.78
C GLN A 547 -4.94 -28.06 -23.27
N MET A 548 -4.09 -27.11 -22.88
CA MET A 548 -3.83 -26.82 -21.46
C MET A 548 -5.04 -26.23 -20.76
N LEU A 549 -5.66 -25.23 -21.38
CA LEU A 549 -6.87 -24.60 -20.86
C LEU A 549 -8.03 -25.60 -20.69
N TYR A 550 -8.17 -26.54 -21.62
CA TYR A 550 -9.20 -27.59 -21.55
C TYR A 550 -9.13 -28.36 -20.23
N LEU A 551 -7.91 -28.73 -19.82
CA LEU A 551 -7.69 -29.45 -18.57
C LEU A 551 -8.00 -28.56 -17.36
N LEU A 552 -7.50 -27.32 -17.40
CA LEU A 552 -7.75 -26.31 -16.34
C LEU A 552 -9.24 -26.08 -16.06
N CYS A 553 -10.05 -26.11 -17.12
CA CYS A 553 -11.52 -25.95 -17.01
C CYS A 553 -12.20 -27.03 -16.15
N SER A 554 -11.63 -28.24 -16.11
CA SER A 554 -12.17 -29.34 -15.30
C SER A 554 -11.19 -29.82 -14.20
N TRP A 555 -10.28 -28.95 -13.78
CA TRP A 555 -9.26 -29.29 -12.79
C TRP A 555 -9.88 -29.24 -11.38
N PRO A 556 -9.52 -30.19 -10.49
CA PRO A 556 -10.08 -30.18 -9.12
C PRO A 556 -9.65 -28.97 -8.29
N GLU A 557 -10.49 -28.58 -7.34
CA GLU A 557 -10.24 -27.38 -6.55
C GLU A 557 -9.01 -27.59 -5.66
N LEU A 558 -8.02 -26.71 -5.82
CA LEU A 558 -6.77 -26.79 -5.04
C LEU A 558 -6.89 -26.08 -3.69
N PRO A 559 -6.05 -26.47 -2.71
CA PRO A 559 -6.11 -25.75 -1.43
C PRO A 559 -5.57 -24.32 -1.55
N VAL A 560 -5.88 -23.48 -0.57
CA VAL A 560 -5.46 -22.07 -0.57
C VAL A 560 -3.96 -21.90 -0.85
N LEU A 561 -3.15 -22.74 -0.21
CA LEU A 561 -1.69 -22.70 -0.33
C LEU A 561 -1.22 -22.76 -1.77
N SER A 562 -1.80 -23.66 -2.56
CA SER A 562 -1.46 -23.78 -3.99
C SER A 562 -2.00 -22.61 -4.82
N ALA A 563 -3.22 -22.16 -4.48
CA ALA A 563 -3.84 -21.01 -5.15
C ALA A 563 -2.97 -19.75 -5.05
N LEU A 564 -2.38 -19.53 -3.87
CA LEU A 564 -1.46 -18.40 -3.65
C LEU A 564 -0.30 -18.39 -4.65
N GLU A 565 0.25 -19.58 -4.93
CA GLU A 565 1.31 -19.71 -5.93
C GLU A 565 0.84 -19.29 -7.31
N LEU A 566 -0.38 -19.68 -7.68
CA LEU A 566 -0.93 -19.37 -9.00
C LEU A 566 -1.15 -17.87 -9.26
N LEU A 567 -1.21 -17.07 -8.19
CA LEU A 567 -1.27 -15.60 -8.31
C LEU A 567 0.04 -14.89 -8.68
N ASP A 568 1.16 -15.63 -8.74
CA ASP A 568 2.47 -15.08 -9.09
C ASP A 568 2.52 -14.72 -10.58
N PHE A 569 3.41 -13.78 -10.93
CA PHE A 569 3.50 -13.22 -12.30
C PHE A 569 3.74 -14.25 -13.43
N SER A 570 4.37 -15.38 -13.09
CA SER A 570 4.58 -16.50 -14.04
C SER A 570 3.30 -17.02 -14.70
N PHE A 571 2.15 -16.84 -14.05
CA PHE A 571 0.86 -17.33 -14.52
C PHE A 571 -0.09 -16.15 -14.87
N PRO A 572 0.15 -15.46 -16.01
CA PRO A 572 -0.66 -14.29 -16.38
C PRO A 572 -2.05 -14.59 -16.98
N ASP A 573 -2.23 -15.77 -17.58
CA ASP A 573 -3.48 -16.13 -18.26
C ASP A 573 -4.72 -15.92 -17.39
N CYS A 574 -5.78 -15.37 -17.98
CA CYS A 574 -7.02 -15.03 -17.27
C CYS A 574 -7.75 -16.23 -16.66
N HIS A 575 -7.59 -17.40 -17.28
CA HIS A 575 -8.19 -18.64 -16.78
C HIS A 575 -7.49 -19.17 -15.53
N VAL A 576 -6.19 -18.93 -15.43
CA VAL A 576 -5.40 -19.37 -14.26
C VAL A 576 -5.74 -18.53 -13.04
N GLY A 577 -5.75 -17.20 -13.21
CA GLY A 577 -6.15 -16.28 -12.14
C GLY A 577 -7.53 -16.64 -11.63
N SER A 578 -8.46 -16.82 -12.58
CA SER A 578 -9.83 -17.21 -12.29
C SER A 578 -9.92 -18.50 -11.48
N PHE A 579 -9.12 -19.50 -11.86
CA PHE A 579 -9.00 -20.75 -11.08
C PHE A 579 -8.41 -20.48 -9.69
N ALA A 580 -7.35 -19.67 -9.64
CA ALA A 580 -6.71 -19.27 -8.38
C ALA A 580 -7.73 -18.63 -7.43
N ILE A 581 -8.43 -17.61 -7.92
CA ILE A 581 -9.43 -16.88 -7.12
C ILE A 581 -10.60 -17.79 -6.72
N LYS A 582 -10.99 -18.71 -7.61
CA LYS A 582 -12.02 -19.72 -7.28
C LYS A 582 -11.64 -20.54 -6.02
N SER A 583 -10.38 -20.95 -5.95
CA SER A 583 -9.83 -21.63 -4.76
C SER A 583 -9.63 -20.73 -3.53
N LEU A 584 -9.42 -19.43 -3.74
CA LEU A 584 -9.34 -18.49 -2.62
C LEU A 584 -10.68 -18.09 -1.97
N ARG A 585 -11.82 -18.45 -2.58
CA ARG A 585 -13.13 -18.08 -2.00
C ARG A 585 -13.47 -18.83 -0.70
N LYS A 586 -12.83 -19.97 -0.45
CA LYS A 586 -12.93 -20.65 0.86
C LYS A 586 -12.25 -19.93 2.05
N LEU A 587 -11.41 -18.94 1.78
CA LEU A 587 -10.75 -18.16 2.85
C LEU A 587 -11.75 -17.49 3.78
N THR A 588 -11.55 -17.67 5.09
CA THR A 588 -12.25 -16.88 6.12
C THR A 588 -11.66 -15.47 6.14
N ASP A 589 -12.41 -14.52 6.70
CA ASP A 589 -11.97 -13.14 6.85
C ASP A 589 -10.69 -13.01 7.69
N ASP A 590 -10.54 -13.87 8.69
CA ASP A 590 -9.35 -13.87 9.57
C ASP A 590 -8.10 -14.28 8.81
N GLU A 591 -8.21 -15.36 8.05
CA GLU A 591 -7.08 -15.85 7.25
C GLU A 591 -6.82 -14.93 6.05
N LEU A 592 -7.88 -14.49 5.38
CA LEU A 592 -7.75 -13.51 4.29
C LEU A 592 -7.05 -12.24 4.74
N PHE A 593 -7.36 -11.78 5.95
CA PHE A 593 -6.70 -10.60 6.50
C PHE A 593 -5.18 -10.80 6.65
N GLN A 594 -4.80 -12.03 7.00
CA GLN A 594 -3.39 -12.39 7.14
C GLN A 594 -2.59 -12.24 5.83
N TYR A 595 -3.26 -12.42 4.68
CA TYR A 595 -2.61 -12.29 3.36
C TYR A 595 -3.00 -11.02 2.57
N LEU A 596 -3.77 -10.11 3.17
CA LEU A 596 -4.29 -8.93 2.46
C LEU A 596 -3.20 -8.08 1.81
N LEU A 597 -2.11 -7.83 2.54
CA LEU A 597 -0.97 -7.09 1.99
C LEU A 597 -0.39 -7.70 0.72
N GLN A 598 -0.40 -9.03 0.62
CA GLN A 598 0.18 -9.71 -0.54
C GLN A 598 -0.74 -9.65 -1.75
N LEU A 599 -2.04 -9.85 -1.52
CA LEU A 599 -3.05 -9.78 -2.57
C LEU A 599 -3.12 -8.40 -3.21
N VAL A 600 -3.09 -7.33 -2.40
CA VAL A 600 -3.06 -5.97 -2.92
C VAL A 600 -1.88 -5.73 -3.88
N GLN A 601 -0.72 -6.28 -3.54
CA GLN A 601 0.50 -6.11 -4.35
C GLN A 601 0.45 -6.91 -5.65
N VAL A 602 -0.27 -8.03 -5.66
CA VAL A 602 -0.49 -8.81 -6.91
C VAL A 602 -1.24 -8.03 -8.01
N LEU A 603 -2.10 -7.08 -7.61
CA LEU A 603 -2.80 -6.18 -8.58
C LEU A 603 -1.85 -5.45 -9.52
N LYS A 604 -0.63 -5.18 -9.06
CA LYS A 604 0.41 -4.55 -9.89
C LYS A 604 0.90 -5.41 -11.05
N TYR A 605 0.64 -6.73 -11.01
CA TYR A 605 0.93 -7.66 -12.11
C TYR A 605 -0.23 -7.82 -13.11
N GLU A 606 -1.38 -7.23 -12.82
CA GLU A 606 -2.57 -7.42 -13.66
C GLU A 606 -2.44 -6.65 -14.98
N SER A 607 -2.94 -7.24 -16.05
CA SER A 607 -2.91 -6.60 -17.37
C SER A 607 -3.98 -5.52 -17.48
N TYR A 608 -5.22 -5.92 -17.19
CA TYR A 608 -6.41 -5.08 -17.35
C TYR A 608 -6.95 -4.59 -16.02
N LEU A 609 -7.84 -3.61 -16.06
CA LEU A 609 -8.39 -2.99 -14.85
C LEU A 609 -9.45 -3.88 -14.23
N ASP A 610 -10.42 -4.32 -15.04
CA ASP A 610 -11.42 -5.28 -14.60
C ASP A 610 -10.75 -6.65 -14.58
N CYS A 611 -10.51 -7.18 -13.37
CA CYS A 611 -10.00 -8.54 -13.18
C CYS A 611 -10.77 -9.25 -12.07
N GLU A 612 -10.54 -10.55 -11.94
CA GLU A 612 -11.18 -11.36 -10.89
C GLU A 612 -10.68 -11.04 -9.46
N LEU A 613 -9.40 -10.70 -9.32
CA LEU A 613 -8.82 -10.34 -8.01
C LEU A 613 -9.42 -9.03 -7.45
N THR A 614 -9.56 -8.02 -8.32
CA THR A 614 -10.25 -6.77 -7.94
C THR A 614 -11.68 -7.02 -7.49
N LYS A 615 -12.40 -7.82 -8.26
CA LYS A 615 -13.76 -8.21 -7.92
C LYS A 615 -13.79 -8.97 -6.59
N PHE A 616 -12.85 -9.90 -6.41
CA PHE A 616 -12.71 -10.66 -5.16
C PHE A 616 -12.42 -9.75 -3.96
N LEU A 617 -11.42 -8.88 -4.08
CA LEU A 617 -11.07 -7.97 -2.98
C LEU A 617 -12.19 -6.98 -2.63
N LEU A 618 -12.94 -6.52 -3.64
CA LEU A 618 -14.11 -5.66 -3.40
C LEU A 618 -15.25 -6.42 -2.73
N ASP A 619 -15.56 -7.61 -3.22
CA ASP A 619 -16.52 -8.51 -2.56
C ASP A 619 -16.24 -8.62 -1.05
N ARG A 620 -15.01 -9.02 -0.72
CA ARG A 620 -14.62 -9.23 0.67
C ARG A 620 -14.58 -7.93 1.47
N ALA A 621 -14.20 -6.84 0.83
CA ALA A 621 -14.20 -5.50 1.46
C ALA A 621 -15.61 -4.98 1.85
N LEU A 622 -16.64 -5.41 1.12
CA LEU A 622 -18.02 -4.98 1.37
C LEU A 622 -18.78 -5.93 2.30
N ALA A 623 -18.36 -7.19 2.36
CA ALA A 623 -18.89 -8.12 3.36
C ALA A 623 -18.34 -7.88 4.78
N ASN A 624 -17.16 -7.26 4.90
CA ASN A 624 -16.47 -7.08 6.19
C ASN A 624 -15.82 -5.69 6.30
N ARG A 625 -16.27 -4.88 7.25
CA ARG A 625 -15.78 -3.50 7.38
C ARG A 625 -14.30 -3.37 7.79
N LYS A 626 -13.77 -4.37 8.51
CA LYS A 626 -12.33 -4.41 8.84
C LYS A 626 -11.49 -4.63 7.58
N ILE A 627 -11.87 -5.61 6.76
CA ILE A 627 -11.19 -5.86 5.49
C ILE A 627 -11.17 -4.60 4.63
N GLY A 628 -12.36 -4.00 4.45
CA GLY A 628 -12.51 -2.76 3.67
C GLY A 628 -11.61 -1.64 4.16
N HIS A 629 -11.55 -1.47 5.47
CA HIS A 629 -10.66 -0.49 6.11
C HIS A 629 -9.21 -0.67 5.68
N PHE A 630 -8.69 -1.90 5.81
CA PHE A 630 -7.26 -2.15 5.54
C PHE A 630 -6.97 -2.24 4.07
N LEU A 631 -7.92 -2.79 3.30
CA LEU A 631 -7.84 -2.66 1.84
C LEU A 631 -7.72 -1.18 1.47
N PHE A 632 -8.57 -0.35 2.09
CA PHE A 632 -8.54 1.06 1.77
C PHE A 632 -7.13 1.62 1.94
N TRP A 633 -6.60 1.52 3.16
CA TRP A 633 -5.28 2.11 3.47
C TRP A 633 -4.10 1.48 2.70
N HIS A 634 -4.14 0.16 2.45
CA HIS A 634 -3.14 -0.48 1.60
C HIS A 634 -3.13 0.22 0.24
N LEU A 635 -4.33 0.40 -0.35
CA LEU A 635 -4.46 1.09 -1.65
C LEU A 635 -4.16 2.58 -1.53
N ARG A 636 -4.72 3.25 -0.52
CA ARG A 636 -4.54 4.70 -0.36
C ARG A 636 -3.08 5.09 -0.18
N SER A 637 -2.31 4.29 0.56
CA SER A 637 -0.90 4.57 0.80
C SER A 637 0.01 4.53 -0.43
N GLU A 638 -0.46 4.03 -1.57
CA GLU A 638 0.34 4.03 -2.81
C GLU A 638 -0.13 4.97 -3.94
N MET A 639 -1.12 5.83 -3.65
CA MET A 639 -1.70 6.75 -4.66
C MET A 639 -0.70 7.76 -5.23
N HIS A 640 0.37 8.05 -4.48
CA HIS A 640 1.49 8.85 -4.96
C HIS A 640 2.38 8.15 -6.01
N VAL A 641 2.20 6.84 -6.23
CA VAL A 641 3.07 6.06 -7.13
C VAL A 641 2.43 5.97 -8.53
N PRO A 642 2.98 6.69 -9.53
CA PRO A 642 2.32 6.85 -10.85
C PRO A 642 1.81 5.57 -11.51
N SER A 643 2.59 4.49 -11.41
CA SER A 643 2.26 3.25 -12.10
C SER A 643 1.04 2.51 -11.54
N VAL A 644 0.54 2.89 -10.36
CA VAL A 644 -0.72 2.32 -9.84
C VAL A 644 -1.77 3.33 -9.36
N ALA A 645 -1.51 4.63 -9.51
CA ALA A 645 -2.49 5.68 -9.12
C ALA A 645 -3.84 5.49 -9.79
N LEU A 646 -3.83 5.18 -11.08
CA LEU A 646 -5.05 4.95 -11.84
C LEU A 646 -5.76 3.72 -11.31
N ARG A 647 -5.12 2.56 -11.42
CA ARG A 647 -5.72 1.28 -10.97
C ARG A 647 -6.24 1.36 -9.55
N PHE A 648 -5.42 1.87 -8.63
CA PHE A 648 -5.80 1.96 -7.22
C PHE A 648 -6.90 3.00 -7.00
N GLY A 649 -6.81 4.13 -7.70
CA GLY A 649 -7.83 5.18 -7.66
C GLY A 649 -9.23 4.67 -7.94
N LEU A 650 -9.37 3.83 -8.97
CA LEU A 650 -10.68 3.33 -9.37
C LEU A 650 -11.27 2.36 -8.35
N ILE A 651 -10.43 1.43 -7.87
CA ILE A 651 -10.82 0.48 -6.81
C ILE A 651 -11.29 1.22 -5.57
N LEU A 652 -10.55 2.27 -5.17
CA LEU A 652 -10.95 3.07 -4.02
C LEU A 652 -12.30 3.79 -4.24
N GLU A 653 -12.54 4.30 -5.45
CA GLU A 653 -13.82 4.94 -5.80
C GLU A 653 -14.96 3.94 -5.66
N ALA A 654 -14.79 2.78 -6.29
CA ALA A 654 -15.73 1.68 -6.16
C ALA A 654 -15.91 1.26 -4.70
N TYR A 655 -14.82 1.18 -3.93
CA TYR A 655 -14.91 0.82 -2.51
C TYR A 655 -15.79 1.81 -1.73
N CYS A 656 -15.56 3.10 -1.95
CA CYS A 656 -16.28 4.17 -1.24
C CYS A 656 -17.79 4.17 -1.46
N ARG A 657 -18.21 4.03 -2.72
CA ARG A 657 -19.62 4.03 -3.09
C ARG A 657 -20.45 2.91 -2.46
N GLY A 658 -19.80 1.77 -2.18
CA GLY A 658 -20.41 0.66 -1.43
C GLY A 658 -20.20 0.72 0.08
N SER A 659 -19.54 1.78 0.57
CA SER A 659 -19.10 1.87 1.97
C SER A 659 -19.20 3.32 2.47
N THR A 660 -20.32 3.96 2.17
CA THR A 660 -20.51 5.39 2.48
C THR A 660 -20.53 5.70 3.98
N HIS A 661 -20.85 4.71 4.82
CA HIS A 661 -20.73 4.88 6.27
C HIS A 661 -19.26 4.95 6.69
N HIS A 662 -18.45 3.97 6.30
CA HIS A 662 -17.03 3.95 6.66
C HIS A 662 -16.26 5.09 6.02
N MET A 663 -16.73 5.52 4.85
CA MET A 663 -16.28 6.77 4.20
C MET A 663 -16.18 7.96 5.17
N LYS A 664 -17.15 8.08 6.08
CA LYS A 664 -17.14 9.13 7.10
C LYS A 664 -15.98 8.96 8.09
N VAL A 665 -15.78 7.73 8.58
CA VAL A 665 -14.67 7.41 9.50
C VAL A 665 -13.32 7.68 8.84
N LEU A 666 -13.18 7.26 7.59
CA LEU A 666 -11.94 7.44 6.84
C LEU A 666 -11.64 8.91 6.50
N MET A 667 -12.68 9.73 6.36
CA MET A 667 -12.52 11.19 6.20
C MET A 667 -11.91 11.78 7.47
N LYS A 668 -12.47 11.43 8.63
CA LYS A 668 -12.00 11.91 9.94
C LYS A 668 -10.53 11.56 10.20
N GLN A 669 -10.10 10.37 9.76
CA GLN A 669 -8.70 9.95 9.88
C GLN A 669 -7.78 10.75 8.95
N GLY A 670 -8.14 10.78 7.67
CA GLY A 670 -7.39 11.51 6.64
C GLY A 670 -7.12 12.98 6.94
N GLU A 671 -8.10 13.64 7.55
CA GLU A 671 -7.94 15.00 8.06
C GLU A 671 -6.93 15.06 9.19
N ALA A 672 -7.06 14.14 10.17
CA ALA A 672 -6.09 14.00 11.27
C ALA A 672 -4.68 13.80 10.73
N LEU A 673 -4.53 12.88 9.76
CA LEU A 673 -3.23 12.61 9.15
C LEU A 673 -2.70 13.76 8.28
N SER A 674 -3.59 14.66 7.85
CA SER A 674 -3.17 15.86 7.13
C SER A 674 -2.64 16.91 8.10
N LYS A 675 -3.26 17.02 9.27
CA LYS A 675 -2.80 17.94 10.33
C LYS A 675 -1.43 17.53 10.88
N LEU A 676 -1.30 16.26 11.28
CA LEU A 676 -0.05 15.72 11.85
C LEU A 676 1.17 15.92 10.92
N LYS A 677 0.97 15.72 9.63
CA LYS A 677 2.02 15.99 8.63
C LYS A 677 2.52 17.42 8.78
N ALA A 678 1.57 18.35 8.83
CA ALA A 678 1.88 19.77 9.03
C ALA A 678 2.50 20.03 10.40
N LEU A 679 1.97 19.38 11.43
CA LEU A 679 2.52 19.47 12.79
C LEU A 679 3.93 18.87 12.89
N ASN A 680 4.21 17.85 12.08
CA ASN A 680 5.56 17.27 12.01
C ASN A 680 6.50 18.21 11.27
N ASP A 681 6.07 18.69 10.10
CA ASP A 681 6.87 19.65 9.28
C ASP A 681 7.29 20.91 10.04
N PHE A 682 6.42 21.39 10.92
CA PHE A 682 6.75 22.49 11.83
C PHE A 682 7.86 22.09 12.81
N VAL A 683 7.65 20.98 13.50
CA VAL A 683 8.61 20.46 14.48
C VAL A 683 9.98 20.13 13.87
N LYS A 684 9.97 19.57 12.65
CA LYS A 684 11.21 19.33 11.87
C LYS A 684 12.06 20.60 11.72
N LEU A 685 11.40 21.69 11.33
CA LEU A 685 12.06 22.99 11.17
C LEU A 685 12.37 23.63 12.53
N SER A 686 11.44 23.51 13.47
CA SER A 686 11.60 24.07 14.83
C SER A 686 12.62 23.33 15.71
N SER A 687 13.05 22.13 15.29
CA SER A 687 14.14 21.40 15.95
C SER A 687 15.51 21.97 15.58
N GLN A 688 15.68 22.31 14.31
CA GLN A 688 16.92 22.93 13.82
C GLN A 688 17.13 24.37 14.35
N LYS A 689 16.03 25.09 14.62
CA LYS A 689 16.09 26.47 15.12
C LYS A 689 16.41 26.54 16.61
N THR A 690 15.59 25.86 17.42
CA THR A 690 15.62 25.98 18.89
C THR A 690 15.87 24.63 19.59
N PRO A 691 16.14 24.66 20.92
CA PRO A 691 16.16 23.43 21.73
C PRO A 691 14.80 22.73 21.88
N LYS A 692 14.83 21.52 22.44
CA LYS A 692 13.65 20.64 22.47
C LYS A 692 12.49 21.08 23.39
N PRO A 693 12.79 21.52 24.64
CA PRO A 693 11.70 21.93 25.54
C PRO A 693 10.82 23.09 25.04
N GLN A 694 11.43 24.04 24.32
CA GLN A 694 10.68 25.13 23.67
C GLN A 694 9.91 24.63 22.44
N THR A 695 10.56 23.81 21.62
CA THR A 695 9.91 23.18 20.46
C THR A 695 8.70 22.32 20.86
N LYS A 696 8.83 21.61 21.98
CA LYS A 696 7.74 20.86 22.60
C LYS A 696 6.55 21.76 22.96
N GLU A 697 6.86 22.96 23.47
CA GLU A 697 5.83 23.94 23.82
C GLU A 697 5.23 24.61 22.58
N LEU A 698 6.07 24.92 21.60
CA LEU A 698 5.61 25.44 20.30
C LEU A 698 4.75 24.44 19.51
N MET A 699 5.00 23.14 19.71
CA MET A 699 4.14 22.08 19.18
C MET A 699 2.76 22.11 19.82
N HIS A 700 2.71 22.30 21.14
CA HIS A 700 1.45 22.32 21.89
C HIS A 700 0.55 23.49 21.50
N LEU A 701 1.13 24.69 21.37
CA LEU A 701 0.38 25.87 20.93
C LEU A 701 -0.32 25.65 19.59
N CYS A 702 0.39 25.03 18.64
CA CYS A 702 -0.19 24.67 17.34
C CYS A 702 -1.29 23.61 17.48
N MET A 703 -1.14 22.71 18.44
CA MET A 703 -2.16 21.70 18.75
C MET A 703 -3.38 22.28 19.46
N ARG A 704 -3.18 23.29 20.31
CA ARG A 704 -4.28 23.93 21.05
C ARG A 704 -5.31 24.61 20.14
N GLN A 705 -4.85 25.07 18.98
CA GLN A 705 -5.72 25.71 17.97
C GLN A 705 -6.97 24.88 17.69
N GLU A 706 -8.10 25.57 17.57
CA GLU A 706 -9.44 24.95 17.50
C GLU A 706 -9.55 23.95 16.34
N ALA A 707 -9.04 24.34 15.18
CA ALA A 707 -9.05 23.51 13.97
C ALA A 707 -8.21 22.23 14.14
N TYR A 708 -7.00 22.40 14.65
CA TYR A 708 -6.11 21.26 14.97
C TYR A 708 -6.71 20.35 16.02
N LEU A 709 -7.10 20.92 17.16
CA LEU A 709 -7.58 20.15 18.32
C LEU A 709 -8.75 19.24 17.95
N GLU A 710 -9.73 19.79 17.23
CA GLU A 710 -10.93 19.03 16.83
C GLU A 710 -10.58 17.92 15.83
N ALA A 711 -9.70 18.25 14.88
CA ALA A 711 -9.29 17.31 13.82
C ALA A 711 -8.52 16.09 14.36
N LEU A 712 -7.66 16.33 15.36
CA LEU A 712 -6.93 15.25 16.05
C LEU A 712 -7.78 14.50 17.08
N SER A 713 -8.94 15.05 17.46
CA SER A 713 -9.79 14.46 18.50
C SER A 713 -10.93 13.65 17.92
N HIS A 714 -11.39 12.66 18.69
CA HIS A 714 -12.60 11.89 18.40
C HIS A 714 -12.61 11.26 17.01
N LEU A 715 -11.68 10.32 16.81
CA LEU A 715 -11.58 9.55 15.59
C LEU A 715 -11.29 8.09 15.93
N GLN A 716 -11.67 7.19 15.03
CA GLN A 716 -11.28 5.79 15.13
C GLN A 716 -9.82 5.68 14.69
N SER A 717 -9.05 4.81 15.35
CA SER A 717 -7.65 4.62 14.98
C SER A 717 -7.56 3.97 13.61
N PRO A 718 -6.74 4.54 12.70
CA PRO A 718 -6.40 3.82 11.47
C PRO A 718 -5.73 2.46 11.71
N LEU A 719 -4.93 2.34 12.78
CA LEU A 719 -4.22 1.09 13.12
C LEU A 719 -5.18 -0.05 13.51
N ASP A 720 -6.22 0.30 14.27
CA ASP A 720 -7.26 -0.66 14.66
C ASP A 720 -8.60 0.09 14.79
N PRO A 721 -9.48 -0.01 13.76
CA PRO A 721 -10.74 0.76 13.77
C PRO A 721 -11.69 0.51 14.96
N SER A 722 -11.58 -0.63 15.63
CA SER A 722 -12.28 -0.87 16.90
C SER A 722 -11.80 0.03 18.07
N THR A 723 -10.56 0.53 18.01
CA THR A 723 -10.03 1.42 19.04
C THR A 723 -10.47 2.86 18.83
N LEU A 724 -10.89 3.52 19.91
CA LEU A 724 -11.37 4.91 19.86
C LEU A 724 -10.33 5.89 20.39
N LEU A 725 -9.83 6.74 19.50
CA LEU A 725 -8.98 7.87 19.87
C LEU A 725 -9.89 9.09 20.14
N ALA A 726 -10.27 9.26 21.40
CA ALA A 726 -11.18 10.33 21.82
C ALA A 726 -10.44 11.64 22.11
N GLU A 727 -9.86 11.79 23.30
CA GLU A 727 -9.32 13.07 23.77
C GLU A 727 -7.80 13.12 23.73
N VAL A 728 -7.23 14.02 22.92
CA VAL A 728 -5.78 14.21 22.88
C VAL A 728 -5.27 14.80 24.20
N CYS A 729 -4.35 14.09 24.86
CA CYS A 729 -3.68 14.57 26.06
C CYS A 729 -2.49 15.40 25.61
N VAL A 730 -2.73 16.68 25.36
CA VAL A 730 -1.74 17.58 24.74
C VAL A 730 -0.45 17.71 25.58
N GLU A 731 -0.59 17.67 26.90
CA GLU A 731 0.56 17.70 27.81
C GLU A 731 1.45 16.45 27.66
N GLN A 732 0.81 15.29 27.55
CA GLN A 732 1.53 14.03 27.29
C GLN A 732 2.18 13.96 25.90
N CYS A 733 1.63 14.69 24.93
CA CYS A 733 2.14 14.67 23.55
C CYS A 733 3.55 15.26 23.43
N THR A 734 4.35 14.66 22.56
CA THR A 734 5.71 15.13 22.29
C THR A 734 6.21 14.53 20.96
N PHE A 735 7.53 14.57 20.72
CA PHE A 735 8.14 13.86 19.59
C PHE A 735 9.43 13.13 20.00
N MET A 736 9.62 11.94 19.43
CA MET A 736 10.79 11.11 19.75
C MET A 736 12.03 11.65 19.06
N ASP A 737 13.19 11.45 19.70
CA ASP A 737 14.46 11.89 19.12
C ASP A 737 14.88 10.89 18.05
N SER A 738 14.83 11.34 16.80
CA SER A 738 15.20 10.53 15.64
C SER A 738 15.45 11.44 14.44
N LYS A 739 15.94 10.86 13.35
CA LYS A 739 16.28 11.62 12.13
C LYS A 739 15.09 12.42 11.56
N MET A 740 13.90 11.80 11.55
CA MET A 740 12.68 12.42 11.01
C MET A 740 11.74 13.00 12.07
N LYS A 741 12.08 12.83 13.35
CA LYS A 741 11.37 13.45 14.47
C LYS A 741 9.88 13.08 14.52
N PRO A 742 9.58 11.79 14.74
CA PRO A 742 8.19 11.32 14.74
C PRO A 742 7.43 11.73 16.00
N LEU A 743 6.14 12.00 15.85
CA LEU A 743 5.32 12.57 16.92
C LEU A 743 4.69 11.51 17.82
N TRP A 744 4.89 11.65 19.13
CA TRP A 744 4.32 10.77 20.15
C TRP A 744 3.00 11.41 20.61
N ILE A 745 1.89 10.98 20.02
CA ILE A 745 0.56 11.57 20.27
C ILE A 745 -0.21 10.62 21.19
N MET A 746 -0.62 11.11 22.36
CA MET A 746 -1.30 10.30 23.38
C MET A 746 -2.79 10.64 23.49
N TYR A 747 -3.59 9.61 23.81
CA TYR A 747 -5.03 9.73 23.90
C TYR A 747 -5.55 9.14 25.22
N SER A 748 -6.78 9.52 25.56
CA SER A 748 -7.48 8.96 26.71
C SER A 748 -8.99 8.93 26.46
N ASN A 749 -9.65 7.92 27.03
CA ASN A 749 -11.09 7.67 26.82
C ASN A 749 -11.81 7.29 28.12
N GLU A 750 -12.48 8.26 28.73
CA GLU A 750 -13.16 8.07 30.03
C GLU A 750 -14.38 7.14 30.03
N GLU A 751 -14.85 6.74 28.84
CA GLU A 751 -15.81 5.64 28.69
C GLU A 751 -15.15 4.24 28.69
N ALA A 752 -13.82 4.18 28.58
CA ALA A 752 -13.08 2.92 28.41
C ALA A 752 -12.81 2.15 29.70
N GLY A 753 -12.22 0.96 29.56
CA GLY A 753 -11.93 0.06 30.68
C GLY A 753 -10.77 0.51 31.55
N SER A 754 -10.16 -0.47 32.24
CA SER A 754 -9.11 -0.21 33.24
C SER A 754 -7.83 0.42 32.68
N GLY A 755 -7.40 -0.06 31.50
CA GLY A 755 -6.24 0.51 30.81
C GLY A 755 -6.53 1.94 30.38
N GLY A 756 -7.30 2.08 29.30
CA GLY A 756 -7.89 3.35 28.90
C GLY A 756 -6.91 4.46 28.60
N SER A 757 -5.86 4.12 27.86
CA SER A 757 -4.83 5.08 27.46
C SER A 757 -4.05 4.49 26.28
N VAL A 758 -4.22 5.10 25.10
CA VAL A 758 -3.61 4.61 23.86
C VAL A 758 -2.78 5.73 23.24
N GLY A 759 -1.82 5.36 22.41
CA GLY A 759 -0.97 6.31 21.70
C GLY A 759 -0.69 5.88 20.26
N ILE A 760 -0.26 6.82 19.45
CA ILE A 760 0.16 6.55 18.07
C ILE A 760 1.42 7.35 17.78
N ILE A 761 2.38 6.73 17.09
CA ILE A 761 3.57 7.43 16.63
C ILE A 761 3.34 7.80 15.17
N PHE A 762 3.28 9.11 14.87
CA PHE A 762 3.14 9.58 13.49
C PHE A 762 4.52 9.73 12.89
N LYS A 763 4.84 8.91 11.90
CA LYS A 763 6.13 8.96 11.21
C LYS A 763 5.94 9.61 9.85
N ASN A 764 6.85 10.51 9.49
CA ASN A 764 6.89 11.10 8.16
C ASN A 764 8.31 11.43 7.73
N GLY A 765 8.77 10.79 6.66
CA GLY A 765 10.12 10.97 6.14
C GLY A 765 10.74 9.66 5.71
N ASP A 766 10.53 8.63 6.52
CA ASP A 766 11.07 7.28 6.28
C ASP A 766 9.97 6.36 5.75
N ASP A 767 10.37 5.39 4.92
CA ASP A 767 9.47 4.38 4.37
C ASP A 767 9.19 3.30 5.42
N LEU A 768 7.91 2.98 5.63
CA LEU A 768 7.48 2.01 6.66
C LEU A 768 7.02 0.65 6.13
N ARG A 769 7.04 0.46 4.81
CA ARG A 769 6.55 -0.78 4.18
C ARG A 769 7.36 -2.01 4.61
N GLN A 770 8.68 -1.82 4.72
CA GLN A 770 9.60 -2.81 5.27
C GLN A 770 9.17 -3.28 6.66
N ASP A 771 8.97 -2.33 7.57
CA ASP A 771 8.57 -2.63 8.95
C ASP A 771 7.22 -3.33 9.03
N MET A 772 6.29 -2.98 8.14
CA MET A 772 4.95 -3.60 8.14
C MET A 772 5.04 -5.03 7.69
N LEU A 773 5.75 -5.26 6.59
CA LEU A 773 5.95 -6.61 6.07
C LEU A 773 6.51 -7.52 7.16
N THR A 774 7.57 -7.03 7.81
CA THR A 774 8.23 -7.74 8.90
C THR A 774 7.26 -8.02 10.04
N LEU A 775 6.61 -6.96 10.53
CA LEU A 775 5.58 -7.10 11.57
C LEU A 775 4.40 -7.98 11.16
N GLN A 776 4.01 -7.93 9.89
CA GLN A 776 2.95 -8.81 9.34
C GLN A 776 3.35 -10.28 9.49
N MET A 777 4.60 -10.58 9.14
CA MET A 777 5.11 -11.96 9.14
C MET A 777 5.38 -12.54 10.53
N ILE A 778 5.74 -11.69 11.49
CA ILE A 778 5.83 -12.12 12.90
C ILE A 778 4.44 -12.41 13.46
N GLN A 779 3.48 -11.55 13.15
CA GLN A 779 2.08 -11.75 13.54
C GLN A 779 1.53 -13.07 12.97
N LEU A 780 1.96 -13.41 11.76
CA LEU A 780 1.60 -14.70 11.15
C LEU A 780 2.24 -15.88 11.87
N MET A 781 3.51 -15.74 12.31
CA MET A 781 4.20 -16.76 13.11
C MET A 781 3.48 -16.98 14.42
N ASP A 782 3.20 -15.88 15.12
CA ASP A 782 2.42 -15.90 16.36
C ASP A 782 1.09 -16.62 16.18
N VAL A 783 0.36 -16.33 15.09
CA VAL A 783 -0.90 -17.03 14.80
C VAL A 783 -0.65 -18.53 14.58
N LEU A 784 0.33 -18.86 13.73
CA LEU A 784 0.70 -20.26 13.47
C LEU A 784 1.12 -21.01 14.76
N TRP A 785 1.88 -20.34 15.62
CA TRP A 785 2.27 -20.92 16.91
C TRP A 785 1.06 -21.07 17.82
N LYS A 786 0.31 -19.99 18.03
CA LYS A 786 -0.94 -20.05 18.81
C LYS A 786 -1.93 -21.10 18.31
N GLN A 787 -1.99 -21.29 16.99
CA GLN A 787 -2.83 -22.33 16.35
C GLN A 787 -2.46 -23.74 16.79
N GLU A 788 -1.17 -23.96 17.11
CA GLU A 788 -0.66 -25.25 17.61
C GLU A 788 -0.55 -25.31 19.15
N GLY A 789 -1.25 -24.42 19.85
CA GLY A 789 -1.27 -24.40 21.32
C GLY A 789 0.02 -23.93 21.94
N LEU A 790 0.55 -22.82 21.42
CA LEU A 790 1.85 -22.29 21.84
C LEU A 790 1.84 -20.76 21.75
N ASP A 791 1.49 -20.12 22.86
CA ASP A 791 1.54 -18.68 22.97
C ASP A 791 2.95 -18.30 23.42
N LEU A 792 3.72 -17.68 22.52
CA LEU A 792 5.03 -17.13 22.86
C LEU A 792 4.95 -15.66 23.29
N ARG A 793 3.77 -15.17 23.69
CA ARG A 793 3.62 -13.86 24.30
C ARG A 793 4.24 -12.73 23.45
N MET A 794 4.05 -12.82 22.15
CA MET A 794 4.60 -11.83 21.21
C MET A 794 3.76 -10.55 21.29
N THR A 795 4.37 -9.43 20.89
CA THR A 795 3.71 -8.13 20.87
C THR A 795 3.61 -7.68 19.41
N PRO A 796 2.50 -8.07 18.73
CA PRO A 796 2.30 -7.66 17.36
C PRO A 796 1.63 -6.27 17.38
N TYR A 797 2.45 -5.25 17.56
CA TYR A 797 1.98 -3.87 17.57
C TYR A 797 1.67 -3.43 16.13
N GLY A 798 0.66 -2.59 15.99
CA GLY A 798 0.19 -2.14 14.68
C GLY A 798 1.20 -1.29 13.95
N CYS A 799 1.20 -1.40 12.62
CA CYS A 799 1.98 -0.57 11.72
C CYS A 799 1.22 -0.44 10.40
N LEU A 800 1.06 0.80 9.94
CA LEU A 800 0.19 1.12 8.80
C LEU A 800 0.78 2.27 8.00
N PRO A 801 1.24 2.01 6.77
CA PRO A 801 1.52 3.09 5.83
C PRO A 801 0.22 3.80 5.41
N THR A 802 0.21 5.13 5.48
CA THR A 802 -0.97 5.93 5.16
C THR A 802 -0.83 6.79 3.90
N GLY A 803 0.41 7.10 3.50
CA GLY A 803 0.67 7.98 2.37
C GLY A 803 2.12 7.93 1.92
N ASP A 804 2.58 9.00 1.27
CA ASP A 804 3.94 9.09 0.74
C ASP A 804 4.95 9.22 1.88
N ARG A 805 5.72 8.15 2.10
CA ARG A 805 6.71 8.05 3.17
C ARG A 805 6.13 8.53 4.50
N THR A 806 4.95 8.01 4.79
CA THR A 806 4.14 8.46 5.93
C THR A 806 3.34 7.27 6.47
N GLY A 807 3.10 7.28 7.78
CA GLY A 807 2.29 6.24 8.41
C GLY A 807 2.20 6.38 9.91
N LEU A 808 1.67 5.34 10.54
CA LEU A 808 1.48 5.28 11.98
C LEU A 808 2.05 3.99 12.56
N ILE A 809 2.55 4.08 13.79
CA ILE A 809 2.90 2.92 14.61
C ILE A 809 2.13 3.00 15.92
N GLU A 810 1.66 1.85 16.40
CA GLU A 810 0.97 1.76 17.68
C GLU A 810 2.00 1.95 18.80
N VAL A 811 1.62 2.74 19.81
CA VAL A 811 2.44 2.95 21.00
C VAL A 811 2.22 1.79 21.96
N VAL A 812 3.27 1.04 22.26
CA VAL A 812 3.26 0.06 23.35
C VAL A 812 3.66 0.82 24.62
N LEU A 813 2.71 0.98 25.54
CA LEU A 813 2.98 1.63 26.83
C LEU A 813 3.79 0.72 27.75
N ARG A 814 4.34 1.33 28.81
CA ARG A 814 4.97 0.60 29.91
C ARG A 814 6.15 -0.22 29.38
N SER A 815 7.08 0.45 28.70
CA SER A 815 8.22 -0.21 28.08
C SER A 815 9.35 0.77 27.78
N ASP A 816 10.51 0.21 27.44
CA ASP A 816 11.69 1.00 27.07
C ASP A 816 12.67 0.10 26.34
N THR A 817 13.65 0.71 25.67
CA THR A 817 14.74 -0.05 25.05
C THR A 817 15.67 -0.59 26.13
N ILE A 818 16.27 -1.75 25.87
CA ILE A 818 17.19 -2.41 26.80
C ILE A 818 18.38 -1.52 27.14
N ALA A 819 18.91 -0.82 26.13
CA ALA A 819 19.99 0.15 26.31
C ALA A 819 19.72 1.15 27.45
N ASN A 820 18.54 1.78 27.40
CA ASN A 820 18.15 2.78 28.42
C ASN A 820 17.75 2.19 29.79
N ILE A 821 17.47 0.89 29.83
CA ILE A 821 17.30 0.16 31.09
C ILE A 821 18.66 -0.18 31.71
N GLN A 822 19.60 -0.61 30.86
CA GLN A 822 20.98 -0.90 31.27
C GLN A 822 21.79 0.36 31.63
N LEU A 823 21.57 1.45 30.90
CA LEU A 823 22.26 2.72 31.15
C LEU A 823 21.91 3.34 32.51
N ASN A 824 20.64 3.25 32.90
CA ASN A 824 20.17 3.71 34.21
C ASN A 824 20.52 2.69 35.30
N LYS A 836 23.92 -6.09 40.21
CA LYS A 836 24.85 -5.68 39.14
C LYS A 836 24.13 -5.51 37.79
N ASP A 837 23.51 -6.59 37.31
CA ASP A 837 22.80 -6.60 36.02
C ASP A 837 21.45 -5.89 36.12
N ALA A 838 21.33 -4.77 35.42
CA ALA A 838 20.16 -3.89 35.50
C ALA A 838 18.89 -4.44 34.85
N LEU A 839 19.03 -5.43 33.95
CA LEU A 839 17.88 -6.03 33.26
C LEU A 839 17.00 -6.80 34.23
N LEU A 840 17.62 -7.68 35.03
CA LEU A 840 16.90 -8.44 36.06
C LEU A 840 16.45 -7.57 37.24
N ASN A 841 17.16 -6.47 37.49
CA ASN A 841 16.76 -5.49 38.52
C ASN A 841 15.53 -4.68 38.10
N TRP A 842 15.51 -4.25 36.84
CA TRP A 842 14.37 -3.51 36.28
C TRP A 842 13.08 -4.33 36.38
N LEU A 843 13.15 -5.61 36.00
CA LEU A 843 12.01 -6.53 36.14
C LEU A 843 11.60 -6.74 37.60
N LYS A 844 12.56 -6.70 38.54
CA LYS A 844 12.27 -6.82 39.97
C LYS A 844 11.44 -5.66 40.50
N SER A 845 11.81 -4.44 40.10
CA SER A 845 11.09 -3.22 40.49
C SER A 845 9.65 -3.12 39.93
N LYS A 846 9.41 -3.75 38.78
CA LYS A 846 8.07 -3.74 38.14
C LYS A 846 7.21 -4.94 38.50
N ASN A 847 7.84 -6.06 38.88
CA ASN A 847 7.14 -7.27 39.31
C ASN A 847 7.67 -7.76 40.67
N PRO A 848 7.15 -7.18 41.77
CA PRO A 848 7.63 -7.53 43.11
C PRO A 848 7.05 -8.85 43.64
N GLY A 849 7.90 -9.68 44.23
CA GLY A 849 7.48 -10.88 44.95
C GLY A 849 7.06 -12.03 44.04
N GLU A 850 5.80 -12.45 44.16
CA GLU A 850 5.25 -13.56 43.36
C GLU A 850 5.16 -13.23 41.87
N ALA A 851 5.04 -11.94 41.54
CA ALA A 851 4.95 -11.48 40.15
C ALA A 851 6.22 -11.73 39.31
N LEU A 852 7.39 -11.78 39.96
CA LEU A 852 8.69 -11.94 39.26
C LEU A 852 8.82 -13.26 38.49
N ASP A 853 8.29 -14.34 39.07
CA ASP A 853 8.37 -15.67 38.45
C ASP A 853 7.54 -15.76 37.16
N ARG A 854 6.42 -15.03 37.13
CA ARG A 854 5.64 -14.85 35.90
C ARG A 854 6.41 -14.00 34.87
N ALA A 855 6.99 -12.90 35.31
CA ALA A 855 7.70 -11.97 34.42
C ALA A 855 8.91 -12.57 33.69
N ILE A 856 9.60 -13.52 34.33
CA ILE A 856 10.71 -14.24 33.68
C ILE A 856 10.18 -15.24 32.63
N GLU A 857 9.03 -15.85 32.90
CA GLU A 857 8.40 -16.77 31.94
C GLU A 857 7.90 -16.03 30.69
N GLU A 858 7.35 -14.82 30.90
CA GLU A 858 6.98 -13.91 29.80
C GLU A 858 8.20 -13.58 28.94
N PHE A 859 9.30 -13.22 29.62
CA PHE A 859 10.58 -12.96 28.98
C PHE A 859 11.09 -14.17 28.20
N THR A 860 11.03 -15.34 28.83
CA THR A 860 11.58 -16.58 28.25
C THR A 860 10.83 -16.99 27.00
N LEU A 861 9.50 -16.99 27.10
CA LEU A 861 8.61 -17.33 25.97
C LEU A 861 8.76 -16.34 24.81
N SER A 862 8.79 -15.04 25.12
CA SER A 862 8.92 -14.00 24.09
C SER A 862 10.32 -13.96 23.47
N CYS A 863 11.34 -14.06 24.32
CA CYS A 863 12.72 -14.13 23.83
C CYS A 863 12.91 -15.29 22.84
N ALA A 864 12.27 -16.42 23.15
CA ALA A 864 12.28 -17.59 22.25
C ALA A 864 11.72 -17.25 20.87
N GLY A 865 10.50 -16.70 20.85
CA GLY A 865 9.78 -16.38 19.62
C GLY A 865 10.47 -15.35 18.74
N TYR A 866 10.92 -14.26 19.36
CA TYR A 866 11.66 -13.23 18.63
C TYR A 866 13.08 -13.66 18.22
N CYS A 867 13.66 -14.64 18.90
CA CYS A 867 14.92 -15.24 18.47
C CYS A 867 14.72 -16.05 17.20
N VAL A 868 13.68 -16.88 17.18
CA VAL A 868 13.36 -17.72 16.01
C VAL A 868 12.89 -16.88 14.81
N ALA A 869 12.01 -15.91 15.07
CA ALA A 869 11.48 -15.02 14.03
C ALA A 869 12.62 -14.28 13.33
N THR A 870 13.44 -13.59 14.12
CA THR A 870 14.54 -12.80 13.58
C THR A 870 15.54 -13.64 12.78
N TYR A 871 15.80 -14.85 13.28
CA TYR A 871 16.66 -15.80 12.59
C TYR A 871 16.10 -16.20 11.22
N VAL A 872 14.85 -16.66 11.23
CA VAL A 872 14.19 -17.15 10.00
C VAL A 872 14.06 -16.07 8.92
N LEU A 873 13.69 -14.86 9.31
CA LEU A 873 13.59 -13.71 8.40
C LEU A 873 14.93 -13.08 8.04
N GLY A 874 16.00 -13.45 8.74
CA GLY A 874 17.34 -12.95 8.42
C GLY A 874 17.55 -11.51 8.82
N ILE A 875 17.09 -11.15 10.02
CA ILE A 875 17.13 -9.76 10.50
C ILE A 875 18.38 -9.52 11.36
N GLY A 876 19.42 -8.95 10.75
CA GLY A 876 20.62 -8.55 11.48
C GLY A 876 20.44 -7.23 12.22
N ASP A 877 21.56 -6.64 12.63
CA ASP A 877 21.61 -5.33 13.30
C ASP A 877 20.86 -5.27 14.66
N ARG A 878 20.62 -6.44 15.26
CA ARG A 878 19.86 -6.52 16.51
C ARG A 878 20.74 -6.18 17.71
N HIS A 879 20.46 -5.03 18.32
CA HIS A 879 21.21 -4.51 19.47
C HIS A 879 20.27 -3.86 20.51
N SER A 880 20.84 -3.49 21.66
CA SER A 880 20.07 -2.92 22.78
C SER A 880 19.25 -1.66 22.45
N ASP A 881 19.70 -0.86 21.48
CA ASP A 881 18.96 0.33 21.03
C ASP A 881 17.67 0.03 20.23
N ASN A 882 17.51 -1.20 19.71
CA ASN A 882 16.33 -1.57 18.90
C ASN A 882 15.58 -2.82 19.39
N ILE A 883 15.83 -3.23 20.63
CA ILE A 883 15.06 -4.27 21.32
C ILE A 883 14.45 -3.66 22.56
N MET A 884 13.16 -3.92 22.79
CA MET A 884 12.43 -3.33 23.90
C MET A 884 11.84 -4.40 24.80
N ILE A 885 11.49 -4.00 26.00
CA ILE A 885 10.95 -4.91 27.02
C ILE A 885 9.79 -4.24 27.74
N ARG A 886 8.70 -4.98 27.90
CA ARG A 886 7.54 -4.51 28.65
C ARG A 886 7.73 -4.80 30.14
N GLU A 887 7.06 -3.99 30.98
CA GLU A 887 7.02 -4.22 32.43
C GLU A 887 6.49 -5.59 32.82
N SER A 888 5.65 -6.18 31.96
CA SER A 888 5.19 -7.57 32.15
C SER A 888 6.29 -8.63 32.00
N GLY A 889 7.43 -8.25 31.38
CA GLY A 889 8.52 -9.18 31.08
C GLY A 889 8.70 -9.43 29.59
N GLN A 890 7.60 -9.33 28.82
CA GLN A 890 7.59 -9.54 27.37
C GLN A 890 8.64 -8.70 26.64
N LEU A 891 9.49 -9.36 25.89
CA LEU A 891 10.52 -8.72 25.07
C LEU A 891 10.00 -8.56 23.63
N PHE A 892 10.44 -7.53 22.94
CA PHE A 892 10.10 -7.36 21.51
C PHE A 892 11.04 -6.41 20.79
N HIS A 893 11.02 -6.48 19.46
CA HIS A 893 11.92 -5.74 18.58
C HIS A 893 11.24 -4.56 17.89
N ILE A 894 12.07 -3.63 17.40
CA ILE A 894 11.62 -2.44 16.66
C ILE A 894 12.59 -2.05 15.54
N ASP A 895 12.12 -1.15 14.67
CA ASP A 895 12.94 -0.56 13.59
C ASP A 895 13.60 -1.63 12.71
N PHE A 896 12.76 -2.36 11.98
CA PHE A 896 13.22 -3.45 11.11
C PHE A 896 13.64 -2.86 9.77
N GLY A 897 14.80 -2.23 9.73
CA GLY A 897 15.34 -1.64 8.51
C GLY A 897 15.82 -2.66 7.50
N HIS A 898 16.42 -3.75 7.98
CA HIS A 898 17.08 -4.76 7.14
C HIS A 898 16.56 -6.17 7.44
N PHE A 899 16.45 -7.00 6.39
CA PHE A 899 16.04 -8.41 6.52
C PHE A 899 16.48 -9.29 5.35
N LEU A 900 16.33 -10.61 5.51
CA LEU A 900 16.86 -11.61 4.56
C LEU A 900 18.39 -11.52 4.38
N GLY A 901 19.09 -11.08 5.43
CA GLY A 901 20.54 -10.92 5.42
C GLY A 901 21.11 -9.85 4.51
N ASN A 902 20.28 -8.89 4.09
CA ASN A 902 20.69 -7.82 3.15
C ASN A 902 21.10 -6.54 3.87
N PHE A 903 21.94 -5.75 3.21
CA PHE A 903 22.43 -4.47 3.74
C PHE A 903 23.02 -3.60 2.63
N GLU A 912 25.00 -12.28 3.03
CA GLU A 912 25.63 -13.01 4.13
C GLU A 912 24.60 -13.43 5.18
N ARG A 913 24.61 -14.71 5.55
CA ARG A 913 23.65 -15.27 6.52
C ARG A 913 23.80 -14.68 7.91
N VAL A 914 22.69 -14.21 8.48
CA VAL A 914 22.64 -13.78 9.87
C VAL A 914 22.52 -15.04 10.74
N PRO A 915 23.48 -15.24 11.68
CA PRO A 915 23.38 -16.42 12.54
C PRO A 915 22.29 -16.29 13.60
N PHE A 916 21.92 -17.41 14.20
CA PHE A 916 21.05 -17.42 15.39
C PHE A 916 21.81 -16.74 16.54
N ILE A 917 21.10 -15.90 17.29
CA ILE A 917 21.71 -15.01 18.29
C ILE A 917 21.07 -15.16 19.66
N LEU A 918 21.86 -15.68 20.60
CA LEU A 918 21.55 -15.60 22.03
C LEU A 918 22.43 -14.50 22.62
N THR A 919 21.89 -13.77 23.59
CA THR A 919 22.63 -12.73 24.31
C THR A 919 22.84 -13.20 25.74
N TYR A 920 23.99 -12.86 26.32
CA TYR A 920 24.29 -13.19 27.72
C TYR A 920 23.23 -12.62 28.65
N ASP A 921 22.86 -11.36 28.40
CA ASP A 921 21.84 -10.64 29.18
C ASP A 921 20.48 -11.37 29.20
N PHE A 922 20.07 -11.90 28.06
CA PHE A 922 18.78 -12.63 27.97
C PHE A 922 18.88 -13.99 28.65
N VAL A 923 20.01 -14.67 28.45
CA VAL A 923 20.26 -15.96 29.11
C VAL A 923 20.37 -15.78 30.62
N HIS A 924 21.01 -14.67 31.04
CA HIS A 924 21.11 -14.32 32.47
C HIS A 924 19.73 -14.26 33.12
N VAL A 925 18.81 -13.54 32.48
CA VAL A 925 17.43 -13.37 32.97
C VAL A 925 16.62 -14.66 32.85
N ILE A 926 16.79 -15.38 31.75
CA ILE A 926 16.14 -16.70 31.53
C ILE A 926 16.43 -17.69 32.67
N GLN A 927 17.68 -17.72 33.13
CA GLN A 927 18.13 -18.63 34.20
C GLN A 927 17.86 -18.12 35.63
N GLN A 928 17.15 -16.98 35.74
CA GLN A 928 16.75 -16.37 37.03
C GLN A 928 17.93 -15.76 37.81
N GLY A 929 18.99 -15.37 37.09
CA GLY A 929 20.18 -14.78 37.69
C GLY A 929 21.12 -15.77 38.36
N LYS A 930 21.23 -16.96 37.77
CA LYS A 930 22.12 -18.02 38.25
C LYS A 930 23.19 -18.34 37.22
N THR A 931 24.22 -19.05 37.66
CA THR A 931 25.30 -19.52 36.77
C THR A 931 24.80 -20.64 35.88
N ASN A 932 24.20 -21.66 36.51
CA ASN A 932 23.60 -22.79 35.81
C ASN A 932 22.18 -23.05 36.31
N ASN A 933 21.20 -22.83 35.45
CA ASN A 933 19.82 -23.20 35.69
C ASN A 933 19.39 -24.11 34.54
N SER A 934 19.91 -25.33 34.58
CA SER A 934 19.70 -26.31 33.51
C SER A 934 18.23 -26.62 33.25
N GLU A 935 17.43 -26.67 34.31
CA GLU A 935 15.98 -26.91 34.21
C GLU A 935 15.27 -25.84 33.37
N LYS A 936 15.53 -24.57 33.69
CA LYS A 936 14.89 -23.44 33.01
C LYS A 936 15.39 -23.23 31.58
N PHE A 937 16.70 -23.31 31.38
CA PHE A 937 17.31 -23.11 30.06
C PHE A 937 16.92 -24.19 29.04
N GLU A 938 16.59 -25.39 29.52
CA GLU A 938 16.15 -26.49 28.67
C GLU A 938 14.72 -26.34 28.19
N ARG A 939 13.87 -25.76 29.03
CA ARG A 939 12.51 -25.35 28.62
C ARG A 939 12.59 -24.33 27.48
N PHE A 940 13.49 -23.35 27.63
CA PHE A 940 13.74 -22.32 26.61
C PHE A 940 14.24 -22.91 25.29
N ARG A 941 15.15 -23.89 25.37
CA ARG A 941 15.66 -24.58 24.17
C ARG A 941 14.53 -25.33 23.45
N GLY A 942 13.60 -25.90 24.23
CA GLY A 942 12.39 -26.51 23.67
C GLY A 942 11.47 -25.52 22.96
N TYR A 943 11.30 -24.33 23.54
CA TYR A 943 10.45 -23.28 22.95
C TYR A 943 10.97 -22.77 21.60
N CYS A 944 12.29 -22.52 21.53
CA CYS A 944 12.95 -22.22 20.26
C CYS A 944 12.82 -23.37 19.25
N GLU A 945 13.01 -24.61 19.73
CA GLU A 945 12.94 -25.81 18.87
C GLU A 945 11.53 -26.10 18.35
N ARG A 946 10.53 -25.90 19.19
CA ARG A 946 9.12 -26.10 18.80
C ARG A 946 8.67 -25.01 17.83
N ALA A 947 9.00 -23.76 18.16
CA ALA A 947 8.70 -22.60 17.30
C ALA A 947 9.24 -22.80 15.89
N TYR A 948 10.52 -23.18 15.82
CA TYR A 948 11.20 -23.43 14.54
C TYR A 948 10.58 -24.58 13.74
N THR A 949 10.03 -25.57 14.43
CA THR A 949 9.42 -26.75 13.77
C THR A 949 8.08 -26.42 13.12
N ILE A 950 7.29 -25.58 13.79
CA ILE A 950 5.98 -25.16 13.29
C ILE A 950 6.11 -24.33 12.01
N LEU A 951 7.09 -23.43 11.96
CA LEU A 951 7.33 -22.62 10.76
C LEU A 951 7.78 -23.46 9.56
N ARG A 952 8.55 -24.52 9.80
CA ARG A 952 8.94 -25.47 8.73
C ARG A 952 7.74 -26.21 8.12
N ARG A 953 6.77 -26.57 8.95
CA ARG A 953 5.52 -27.17 8.46
C ARG A 953 4.77 -26.22 7.51
N HIS A 954 4.80 -24.92 7.82
CA HIS A 954 4.16 -23.89 7.01
C HIS A 954 5.18 -23.11 6.18
N GLY A 955 6.21 -23.79 5.69
CA GLY A 955 7.32 -23.14 4.98
C GLY A 955 6.96 -22.70 3.58
N LEU A 956 6.17 -23.51 2.87
CA LEU A 956 5.66 -23.13 1.55
C LEU A 956 4.75 -21.89 1.61
N LEU A 957 4.01 -21.74 2.72
CA LEU A 957 3.17 -20.56 2.94
C LEU A 957 4.00 -19.29 2.90
N PHE A 958 5.11 -19.27 3.66
CA PHE A 958 6.01 -18.10 3.68
C PHE A 958 6.68 -17.85 2.35
N LEU A 959 7.11 -18.91 1.66
CA LEU A 959 7.74 -18.75 0.35
C LEU A 959 6.78 -18.13 -0.67
N HIS A 960 5.55 -18.64 -0.70
CA HIS A 960 4.51 -18.16 -1.62
C HIS A 960 4.14 -16.70 -1.34
N LEU A 961 3.94 -16.38 -0.06
CA LEU A 961 3.65 -15.01 0.35
C LEU A 961 4.79 -14.04 0.00
N PHE A 962 6.02 -14.48 0.26
CA PHE A 962 7.22 -13.68 -0.07
C PHE A 962 7.43 -13.53 -1.58
N ALA A 963 7.09 -14.56 -2.34
CA ALA A 963 7.16 -14.52 -3.81
C ALA A 963 6.25 -13.44 -4.41
N LEU A 964 5.03 -13.30 -3.87
CA LEU A 964 4.10 -12.25 -4.31
C LEU A 964 4.54 -10.84 -3.91
N MET A 965 5.23 -10.70 -2.78
CA MET A 965 5.77 -9.39 -2.33
C MET A 965 6.93 -8.84 -3.17
N ARG A 966 7.46 -9.64 -4.08
CA ARG A 966 8.43 -9.13 -5.07
C ARG A 966 7.82 -8.01 -5.96
N ALA A 967 6.49 -8.05 -6.15
CA ALA A 967 5.73 -6.96 -6.82
C ALA A 967 5.90 -5.57 -6.18
N ALA A 968 6.07 -5.55 -4.85
CA ALA A 968 6.18 -4.30 -4.09
C ALA A 968 7.46 -3.48 -4.33
N GLY A 969 8.47 -4.07 -4.95
CA GLY A 969 9.71 -3.35 -5.21
C GLY A 969 10.39 -2.85 -3.96
N LEU A 970 10.42 -3.69 -2.92
CA LEU A 970 11.26 -3.43 -1.75
C LEU A 970 12.70 -3.73 -2.18
N PRO A 971 13.67 -2.88 -1.79
CA PRO A 971 15.07 -3.13 -2.20
C PRO A 971 15.61 -4.53 -1.87
N GLU A 972 15.31 -4.99 -0.65
CA GLU A 972 15.81 -6.27 -0.13
C GLU A 972 14.92 -7.48 -0.41
N LEU A 973 13.73 -7.26 -1.00
CA LEU A 973 12.89 -8.35 -1.49
C LEU A 973 12.60 -8.11 -2.97
N SER A 974 13.56 -8.55 -3.81
CA SER A 974 13.55 -8.24 -5.24
C SER A 974 13.85 -9.41 -6.21
N CYS A 975 14.32 -10.56 -5.70
CA CYS A 975 14.74 -11.66 -6.58
C CYS A 975 14.71 -13.03 -5.90
N SER A 976 14.94 -14.09 -6.69
CA SER A 976 14.95 -15.48 -6.21
C SER A 976 15.93 -15.76 -5.07
N LYS A 977 17.10 -15.11 -5.11
CA LYS A 977 18.11 -15.18 -4.04
C LYS A 977 17.55 -14.76 -2.68
N ASP A 978 16.78 -13.67 -2.68
CA ASP A 978 16.13 -13.17 -1.45
C ASP A 978 15.05 -14.13 -0.95
N ILE A 979 14.37 -14.82 -1.87
CA ILE A 979 13.39 -15.86 -1.51
C ILE A 979 14.11 -17.14 -1.07
N GLN A 980 15.20 -17.48 -1.78
CA GLN A 980 16.08 -18.62 -1.44
C GLN A 980 16.58 -18.58 0.01
N TYR A 981 16.80 -17.37 0.54
CA TYR A 981 17.21 -17.19 1.94
C TYR A 981 16.27 -17.87 2.93
N LEU A 982 14.97 -17.65 2.76
CA LEU A 982 13.94 -18.28 3.60
C LEU A 982 13.91 -19.81 3.43
N LYS A 983 14.20 -20.29 2.22
CA LYS A 983 14.24 -21.74 1.95
C LYS A 983 15.35 -22.40 2.78
N ASP A 984 16.53 -21.79 2.75
CA ASP A 984 17.70 -22.28 3.49
C ASP A 984 17.55 -22.12 5.00
N SER A 985 17.07 -20.95 5.44
CA SER A 985 16.88 -20.69 6.88
C SER A 985 15.88 -21.61 7.57
N LEU A 986 14.90 -22.12 6.82
CA LEU A 986 13.95 -23.13 7.31
C LEU A 986 14.36 -24.55 6.93
N ALA A 987 15.44 -24.71 6.16
CA ALA A 987 15.96 -26.03 5.77
C ALA A 987 14.88 -26.89 5.11
N LEU A 988 14.28 -26.35 4.05
CA LEU A 988 13.19 -27.01 3.32
C LEU A 988 13.71 -28.09 2.37
N GLY A 989 14.92 -27.92 1.86
CA GLY A 989 15.62 -28.97 1.09
C GLY A 989 15.99 -30.18 1.92
N LYS A 990 16.25 -29.97 3.21
CA LYS A 990 16.59 -31.05 4.15
C LYS A 990 15.34 -31.71 4.70
N THR A 991 15.52 -32.88 5.32
CA THR A 991 14.44 -33.58 6.02
C THR A 991 14.17 -32.91 7.37
N GLU A 992 13.13 -33.37 8.07
CA GLU A 992 12.69 -32.74 9.30
C GLU A 992 13.72 -32.87 10.43
N GLU A 993 14.20 -34.09 10.67
CA GLU A 993 15.21 -34.35 11.70
C GLU A 993 16.60 -33.80 11.33
N GLU A 994 16.93 -33.80 10.03
CA GLU A 994 18.13 -33.10 9.53
C GLU A 994 18.11 -31.61 9.87
N ALA A 995 16.93 -31.00 9.80
CA ALA A 995 16.74 -29.59 10.16
C ALA A 995 16.95 -29.34 11.66
N LEU A 996 16.39 -30.23 12.49
CA LEU A 996 16.54 -30.15 13.95
C LEU A 996 17.99 -30.26 14.43
N LYS A 997 18.77 -31.14 13.79
CA LYS A 997 20.17 -31.36 14.15
C LYS A 997 21.04 -30.13 13.85
N HIS A 998 20.83 -29.54 12.67
CA HIS A 998 21.56 -28.31 12.27
C HIS A 998 21.09 -27.08 13.06
N PHE A 999 19.81 -27.04 13.41
CA PHE A 999 19.26 -25.97 14.27
C PHE A 999 19.90 -25.99 15.67
N ARG A 1000 19.97 -27.20 16.25
CA ARG A 1000 20.66 -27.42 17.53
C ARG A 1000 22.13 -27.03 17.51
N VAL A 1001 22.80 -27.34 16.39
CA VAL A 1001 24.21 -26.95 16.18
C VAL A 1001 24.35 -25.42 16.12
N LYS A 1002 23.47 -24.79 15.33
CA LYS A 1002 23.40 -23.32 15.26
C LYS A 1002 22.93 -22.69 16.59
N PHE A 1003 22.10 -23.42 17.34
CA PHE A 1003 21.72 -23.02 18.71
C PHE A 1003 22.97 -23.02 19.61
N ASN A 1004 23.64 -24.17 19.68
CA ASN A 1004 24.79 -24.36 20.57
C ASN A 1004 25.91 -23.35 20.32
N GLU A 1005 26.22 -23.09 19.04
CA GLU A 1005 27.21 -22.06 18.67
C GLU A 1005 26.83 -20.65 19.12
N ALA A 1006 25.53 -20.36 19.16
CA ALA A 1006 25.03 -19.09 19.69
C ALA A 1006 25.23 -18.98 21.20
N LEU A 1007 25.06 -20.10 21.91
CA LEU A 1007 25.35 -20.17 23.35
C LEU A 1007 26.85 -20.01 23.63
N ARG A 1008 27.69 -20.61 22.77
CA ARG A 1008 29.15 -20.43 22.83
C ARG A 1008 29.57 -18.98 22.59
N GLU A 1009 29.04 -18.38 21.52
CA GLU A 1009 29.39 -17.02 21.14
C GLU A 1009 28.78 -15.93 22.05
N SER A 1010 27.84 -16.32 22.90
CA SER A 1010 27.25 -15.40 23.89
C SER A 1010 28.27 -14.86 24.90
N TRP A 1011 29.17 -15.73 25.36
CA TRP A 1011 30.23 -15.36 26.31
C TRP A 1011 31.31 -14.45 25.70
N LYS A 1012 31.72 -14.77 24.47
CA LYS A 1012 32.80 -14.04 23.77
C LYS A 1012 32.40 -12.62 23.37
N THR A 1013 31.12 -12.41 23.05
CA THR A 1013 30.59 -11.09 22.65
C THR A 1013 30.57 -10.08 23.81
N LYS A 1014 30.24 -10.56 25.01
CA LYS A 1014 30.10 -9.71 26.20
C LYS A 1014 31.45 -9.11 26.69
N VAL A 1015 32.54 -9.85 26.50
CA VAL A 1015 33.87 -9.45 27.01
C VAL A 1015 34.46 -8.28 26.22
N TYR B 1 42.99 -23.51 -25.88
CA TYR B 1 42.64 -22.71 -27.09
C TYR B 1 41.36 -21.89 -26.90
N GLN B 2 41.28 -21.20 -25.76
CA GLN B 2 40.11 -20.37 -25.39
C GLN B 2 40.58 -19.09 -24.70
N GLN B 3 39.98 -17.95 -25.07
CA GLN B 3 40.30 -16.64 -24.46
C GLN B 3 39.02 -15.90 -24.05
N ASP B 4 39.15 -15.06 -23.02
CA ASP B 4 38.00 -14.32 -22.45
C ASP B 4 38.38 -13.14 -21.52
N GLN B 5 39.37 -13.35 -20.65
CA GLN B 5 39.75 -12.40 -19.58
C GLN B 5 39.93 -10.93 -20.01
N VAL B 6 39.41 -10.02 -19.18
CA VAL B 6 39.50 -8.55 -19.39
C VAL B 6 40.13 -7.80 -18.19
N VAL B 7 40.62 -8.53 -17.18
CA VAL B 7 41.22 -7.93 -15.97
C VAL B 7 42.59 -7.32 -16.29
N LYS B 8 42.86 -6.13 -15.73
CA LYS B 8 44.07 -5.35 -16.06
C LYS B 8 45.34 -5.85 -15.36
N GLU B 9 45.32 -5.85 -14.02
CA GLU B 9 46.48 -6.29 -13.22
C GLU B 9 46.65 -7.81 -13.26
N ASP B 10 47.83 -8.27 -12.80
CA ASP B 10 48.22 -9.70 -12.89
C ASP B 10 48.37 -10.40 -11.53
N ASN B 11 49.02 -9.74 -10.57
CA ASN B 11 49.21 -10.27 -9.21
C ASN B 11 47.89 -10.27 -8.41
N ILE B 12 47.77 -11.20 -7.45
CA ILE B 12 46.56 -11.31 -6.60
C ILE B 12 46.32 -10.06 -5.74
N GLU B 13 47.38 -9.54 -5.14
CA GLU B 13 47.30 -8.29 -4.36
C GLU B 13 47.05 -7.09 -5.28
N ALA B 14 47.59 -7.13 -6.50
CA ALA B 14 47.39 -6.08 -7.49
C ALA B 14 45.97 -6.04 -8.04
N VAL B 15 45.40 -7.22 -8.30
CA VAL B 15 43.99 -7.33 -8.73
C VAL B 15 43.04 -6.95 -7.58
N GLY B 16 43.37 -7.40 -6.37
CA GLY B 16 42.62 -7.04 -5.17
C GLY B 16 42.65 -5.56 -4.81
N LYS B 17 43.70 -4.87 -5.23
CA LYS B 17 43.79 -3.41 -5.08
C LYS B 17 42.78 -2.76 -6.02
N LYS B 18 42.79 -3.20 -7.27
CA LYS B 18 41.82 -2.74 -8.27
C LYS B 18 40.37 -3.15 -7.96
N LEU B 19 40.19 -4.25 -7.21
CA LEU B 19 38.86 -4.62 -6.71
C LEU B 19 38.35 -3.59 -5.70
N HIS B 20 39.24 -3.10 -4.84
CA HIS B 20 38.90 -2.10 -3.83
C HIS B 20 38.58 -0.74 -4.46
N GLU B 21 39.38 -0.34 -5.46
CA GLU B 21 39.20 0.93 -6.16
C GLU B 21 37.89 0.96 -6.95
N TYR B 22 37.72 0.02 -7.87
CA TYR B 22 36.50 -0.04 -8.69
C TYR B 22 35.20 -0.19 -7.88
N ASN B 23 35.28 -0.87 -6.73
CA ASN B 23 34.13 -0.99 -5.82
C ASN B 23 33.80 0.36 -5.18
N THR B 24 34.83 1.06 -4.70
CA THR B 24 34.71 2.42 -4.17
C THR B 24 34.21 3.39 -5.25
N GLN B 25 34.73 3.25 -6.46
CA GLN B 25 34.24 4.01 -7.62
C GLN B 25 32.79 3.67 -8.00
N PHE B 26 32.38 2.42 -7.76
CA PHE B 26 31.02 1.96 -8.03
C PHE B 26 30.00 2.51 -7.03
N GLN B 27 30.33 2.41 -5.75
CA GLN B 27 29.45 2.86 -4.66
C GLN B 27 29.24 4.37 -4.66
N GLU B 28 30.25 5.13 -5.11
CA GLU B 28 30.12 6.58 -5.27
C GLU B 28 29.18 6.96 -6.43
N LYS B 29 29.38 6.32 -7.58
CA LYS B 29 28.50 6.54 -8.75
C LYS B 29 27.05 6.10 -8.52
N SER B 30 26.85 5.09 -7.67
CA SER B 30 25.50 4.66 -7.26
C SER B 30 24.79 5.72 -6.41
N ARG B 31 25.53 6.29 -5.45
CA ARG B 31 25.05 7.41 -4.64
C ARG B 31 24.73 8.65 -5.49
N GLU B 32 25.49 8.84 -6.56
CA GLU B 32 25.24 9.91 -7.53
C GLU B 32 23.91 9.67 -8.26
N TYR B 33 23.70 8.44 -8.72
CA TYR B 33 22.45 8.08 -9.40
C TYR B 33 21.24 8.20 -8.47
N ASP B 34 21.35 7.63 -7.26
CA ASP B 34 20.28 7.68 -6.27
C ASP B 34 19.87 9.10 -5.90
N ARG B 35 20.86 9.98 -5.73
CA ARG B 35 20.65 11.41 -5.54
C ARG B 35 19.86 12.02 -6.70
N LEU B 36 20.24 11.66 -7.94
CA LEU B 36 19.53 12.11 -9.14
C LEU B 36 18.14 11.50 -9.27
N TYR B 37 17.97 10.26 -8.83
CA TYR B 37 16.66 9.57 -8.90
C TYR B 37 15.66 10.11 -7.87
N GLU B 38 16.16 10.68 -6.78
CA GLU B 38 15.32 11.39 -5.81
C GLU B 38 14.74 12.64 -6.45
N ASP B 39 15.61 13.41 -7.11
CA ASP B 39 15.20 14.63 -7.84
C ASP B 39 14.19 14.32 -8.95
N TYR B 40 14.49 13.30 -9.76
CA TYR B 40 13.59 12.84 -10.81
C TYR B 40 12.18 12.63 -10.26
N THR B 41 12.08 11.82 -9.21
CA THR B 41 10.79 11.48 -8.60
C THR B 41 10.12 12.70 -7.95
N ARG B 42 10.91 13.52 -7.28
CA ARG B 42 10.40 14.71 -6.61
C ARG B 42 9.88 15.71 -7.64
N THR B 43 10.66 15.94 -8.70
CA THR B 43 10.27 16.81 -9.80
C THR B 43 9.03 16.28 -10.52
N SER B 44 8.92 14.96 -10.68
CA SER B 44 7.73 14.33 -11.27
C SER B 44 6.46 14.61 -10.46
N GLN B 45 6.58 14.64 -9.13
CA GLN B 45 5.46 14.92 -8.23
C GLN B 45 5.13 16.41 -8.20
N GLU B 46 6.16 17.26 -8.18
CA GLU B 46 6.01 18.72 -8.25
C GLU B 46 5.35 19.19 -9.56
N ILE B 47 5.80 18.65 -10.69
CA ILE B 47 5.25 19.00 -12.01
C ILE B 47 3.78 18.59 -12.14
N GLN B 48 3.44 17.40 -11.67
CA GLN B 48 2.05 16.92 -11.63
C GLN B 48 1.15 17.84 -10.78
N MET B 49 1.69 18.27 -9.63
CA MET B 49 0.99 19.19 -8.73
C MET B 49 0.75 20.56 -9.38
N LYS B 50 1.74 21.05 -10.12
CA LYS B 50 1.61 22.28 -10.90
C LYS B 50 0.55 22.14 -11.99
N ARG B 51 0.49 20.98 -12.63
CA ARG B 51 -0.48 20.73 -13.71
C ARG B 51 -1.94 20.65 -13.22
N THR B 52 -2.15 20.08 -12.04
CA THR B 52 -3.47 20.10 -11.39
C THR B 52 -3.85 21.49 -10.84
N ALA B 53 -2.84 22.29 -10.46
CA ALA B 53 -3.05 23.68 -10.06
C ALA B 53 -3.46 24.57 -11.24
N ILE B 54 -2.92 24.28 -12.43
CA ILE B 54 -3.32 24.95 -13.67
C ILE B 54 -4.76 24.62 -14.04
N GLU B 55 -5.12 23.33 -13.92
CA GLU B 55 -6.50 22.90 -14.05
C GLU B 55 -7.42 23.61 -13.04
N ALA B 56 -6.89 23.89 -11.85
CA ALA B 56 -7.61 24.63 -10.81
C ALA B 56 -7.85 26.09 -11.20
N PHE B 57 -6.85 26.73 -11.78
CA PHE B 57 -6.98 28.09 -12.33
C PHE B 57 -8.01 28.15 -13.46
N ASN B 58 -7.95 27.17 -14.36
CA ASN B 58 -8.90 27.05 -15.46
C ASN B 58 -10.33 26.98 -14.94
N GLU B 59 -10.56 26.07 -14.00
CA GLU B 59 -11.88 25.85 -13.41
C GLU B 59 -12.36 27.07 -12.60
N THR B 60 -11.42 27.81 -12.03
CA THR B 60 -11.72 29.04 -11.29
C THR B 60 -12.14 30.14 -12.28
N ILE B 61 -11.28 30.39 -13.26
CA ILE B 61 -11.56 31.34 -14.35
C ILE B 61 -12.90 31.03 -15.05
N LYS B 62 -13.10 29.75 -15.35
CA LYS B 62 -14.36 29.26 -15.93
C LYS B 62 -15.60 29.66 -15.10
N ILE B 63 -15.46 29.72 -13.77
CA ILE B 63 -16.54 30.14 -12.86
C ILE B 63 -16.74 31.67 -12.90
N PHE B 64 -15.64 32.41 -12.99
CA PHE B 64 -15.69 33.85 -13.23
C PHE B 64 -16.28 34.22 -14.61
N GLU B 65 -16.02 33.40 -15.63
CA GLU B 65 -16.55 33.63 -16.98
C GLU B 65 -18.07 33.39 -17.03
N GLU B 66 -18.56 32.44 -16.25
CA GLU B 66 -20.01 32.23 -16.06
C GLU B 66 -20.66 33.40 -15.32
N GLN B 67 -19.96 33.96 -14.34
CA GLN B 67 -20.46 35.11 -13.58
C GLN B 67 -20.59 36.32 -14.50
N CYS B 68 -19.61 36.51 -15.38
CA CYS B 68 -19.69 37.53 -16.42
C CYS B 68 -20.92 37.32 -17.31
N GLN B 69 -21.08 36.09 -17.81
CA GLN B 69 -22.20 35.76 -18.67
C GLN B 69 -23.52 36.11 -18.00
N THR B 70 -23.70 35.61 -16.77
CA THR B 70 -24.90 35.87 -15.95
C THR B 70 -25.14 37.36 -15.69
N GLN B 71 -24.07 38.12 -15.43
CA GLN B 71 -24.19 39.56 -15.18
C GLN B 71 -24.75 40.30 -16.41
N GLU B 72 -24.25 39.94 -17.59
CA GLU B 72 -24.72 40.54 -18.85
C GLU B 72 -26.18 40.20 -19.15
N ARG B 73 -26.54 38.92 -19.02
CA ARG B 73 -27.92 38.47 -19.22
C ARG B 73 -28.88 39.06 -18.18
N TYR B 74 -28.47 39.03 -16.92
CA TYR B 74 -29.34 39.39 -15.81
C TYR B 74 -29.54 40.91 -15.66
N SER B 75 -28.51 41.70 -15.96
CA SER B 75 -28.61 43.16 -15.89
C SER B 75 -29.58 43.74 -16.91
N LYS B 76 -29.64 43.14 -18.10
CA LYS B 76 -30.44 43.64 -19.24
C LYS B 76 -31.84 44.14 -18.85
N GLU B 77 -32.54 43.33 -18.04
CA GLU B 77 -33.90 43.67 -17.60
C GLU B 77 -33.94 44.87 -16.64
N TYR B 78 -32.95 44.99 -15.76
CA TYR B 78 -32.92 46.03 -14.72
C TYR B 78 -32.30 47.36 -15.17
N ILE B 79 -31.34 47.33 -16.09
CA ILE B 79 -30.71 48.54 -16.61
C ILE B 79 -31.74 49.40 -17.37
N GLU B 80 -32.61 48.74 -18.14
CA GLU B 80 -33.73 49.41 -18.82
C GLU B 80 -34.79 49.90 -17.84
N LYS B 81 -35.14 49.04 -16.87
CA LYS B 81 -36.22 49.33 -15.90
C LYS B 81 -35.89 50.50 -14.96
N PHE B 82 -34.61 50.65 -14.61
CA PHE B 82 -34.15 51.77 -13.78
C PHE B 82 -33.88 53.06 -14.58
N LYS B 83 -33.63 52.94 -15.90
CA LYS B 83 -33.43 54.12 -16.76
C LYS B 83 -34.76 54.84 -17.06
N ARG B 84 -35.84 54.07 -17.25
CA ARG B 84 -37.20 54.62 -17.35
C ARG B 84 -37.68 55.22 -16.01
N GLU B 85 -37.16 54.68 -14.91
CA GLU B 85 -37.39 55.22 -13.56
C GLU B 85 -36.50 56.46 -13.26
N GLY B 86 -35.60 56.82 -14.18
CA GLY B 86 -34.72 57.98 -14.02
C GLY B 86 -33.60 57.75 -13.02
N ASN B 87 -33.27 56.47 -12.79
CA ASN B 87 -32.32 56.07 -11.75
C ASN B 87 -30.99 55.66 -12.37
N GLU B 88 -30.24 56.66 -12.82
CA GLU B 88 -28.86 56.48 -13.31
C GLU B 88 -27.88 56.09 -12.19
N THR B 89 -28.28 56.30 -10.92
CA THR B 89 -27.51 55.83 -9.76
C THR B 89 -27.44 54.30 -9.70
N GLU B 90 -28.60 53.65 -9.72
CA GLU B 90 -28.69 52.18 -9.65
C GLU B 90 -28.06 51.47 -10.85
N ILE B 91 -28.08 52.11 -12.03
CA ILE B 91 -27.38 51.62 -13.22
C ILE B 91 -25.86 51.70 -13.02
N GLN B 92 -25.39 52.86 -12.60
CA GLN B 92 -23.95 53.11 -12.41
C GLN B 92 -23.28 52.25 -11.33
N ARG B 93 -24.05 51.86 -10.31
CA ARG B 93 -23.56 50.95 -9.26
C ARG B 93 -23.35 49.53 -9.79
N ILE B 94 -24.26 49.07 -10.65
CA ILE B 94 -24.16 47.76 -11.30
C ILE B 94 -22.91 47.63 -12.19
N MET B 95 -22.64 48.65 -13.00
CA MET B 95 -21.55 48.61 -13.99
C MET B 95 -20.16 48.67 -13.37
N HIS B 96 -20.01 49.49 -12.32
CA HIS B 96 -18.73 49.58 -11.59
C HIS B 96 -18.43 48.26 -10.88
N ASN B 97 -19.46 47.66 -10.29
CA ASN B 97 -19.35 46.32 -9.71
C ASN B 97 -18.91 45.26 -10.74
N TYR B 98 -19.42 45.38 -11.95
CA TYR B 98 -19.03 44.53 -13.08
C TYR B 98 -17.61 44.85 -13.56
N GLU B 99 -17.23 46.12 -13.53
CA GLU B 99 -15.84 46.53 -13.83
C GLU B 99 -14.87 45.98 -12.79
N LYS B 100 -15.30 45.98 -11.52
CA LYS B 100 -14.55 45.38 -10.41
C LYS B 100 -14.38 43.86 -10.60
N LEU B 101 -15.45 43.19 -11.02
CA LEU B 101 -15.42 41.75 -11.32
C LEU B 101 -14.37 41.43 -12.40
N LYS B 102 -14.45 42.12 -13.53
CA LYS B 102 -13.49 41.94 -14.64
C LYS B 102 -12.03 42.23 -14.26
N SER B 103 -11.83 43.19 -13.35
CA SER B 103 -10.49 43.52 -12.85
C SER B 103 -9.87 42.37 -12.06
N ARG B 104 -10.72 41.62 -11.35
CA ARG B 104 -10.28 40.45 -10.61
C ARG B 104 -9.92 39.26 -11.52
N ILE B 105 -10.63 39.12 -12.64
CA ILE B 105 -10.33 38.04 -13.61
C ILE B 105 -8.93 38.22 -14.22
N SER B 106 -8.50 39.47 -14.38
CA SER B 106 -7.16 39.78 -14.88
C SER B 106 -6.05 39.47 -13.86
N GLU B 107 -6.38 39.54 -12.57
CA GLU B 107 -5.44 39.14 -11.52
C GLU B 107 -5.25 37.62 -11.53
N ILE B 108 -6.35 36.88 -11.66
CA ILE B 108 -6.35 35.42 -11.66
C ILE B 108 -5.67 34.85 -12.93
N VAL B 109 -5.86 35.53 -14.06
CA VAL B 109 -5.21 35.14 -15.33
C VAL B 109 -3.70 35.35 -15.27
N ASP B 110 -3.27 36.45 -14.66
CA ASP B 110 -1.84 36.76 -14.49
C ASP B 110 -1.13 35.71 -13.64
N SER B 111 -1.80 35.27 -12.57
CA SER B 111 -1.28 34.22 -11.69
C SER B 111 -1.20 32.86 -12.37
N ARG B 112 -2.21 32.51 -13.17
CA ARG B 112 -2.15 31.29 -14.00
C ARG B 112 -0.97 31.31 -14.96
N ARG B 113 -0.64 32.49 -15.49
CA ARG B 113 0.46 32.67 -16.42
C ARG B 113 1.81 32.45 -15.74
N ARG B 114 1.97 32.99 -14.52
CA ARG B 114 3.19 32.82 -13.73
C ARG B 114 3.48 31.35 -13.40
N LEU B 115 2.44 30.58 -13.07
CA LEU B 115 2.58 29.14 -12.82
C LEU B 115 2.93 28.38 -14.09
N GLU B 116 2.30 28.75 -15.21
CA GLU B 116 2.61 28.17 -16.54
C GLU B 116 4.07 28.36 -16.95
N GLU B 117 4.63 29.52 -16.61
CA GLU B 117 6.05 29.79 -16.81
C GLU B 117 6.93 28.91 -15.93
N ASP B 118 6.52 28.74 -14.66
CA ASP B 118 7.26 27.88 -13.72
C ASP B 118 7.16 26.40 -14.08
N LEU B 119 6.01 25.96 -14.59
CA LEU B 119 5.85 24.60 -15.13
C LEU B 119 6.68 24.38 -16.40
N LYS B 120 6.89 25.43 -17.18
CA LYS B 120 7.74 25.36 -18.37
C LYS B 120 9.19 25.15 -17.97
N LYS B 121 9.64 25.89 -16.94
CA LYS B 121 10.99 25.74 -16.39
C LYS B 121 11.24 24.35 -15.79
N GLN B 122 10.32 23.90 -14.93
CA GLN B 122 10.47 22.62 -14.24
C GLN B 122 10.33 21.40 -15.15
N ALA B 123 9.65 21.57 -16.28
CA ALA B 123 9.63 20.56 -17.34
C ALA B 123 11.01 20.41 -17.98
N ALA B 124 11.74 21.54 -18.10
CA ALA B 124 13.10 21.56 -18.64
C ALA B 124 14.10 20.92 -17.68
N GLU B 125 13.96 21.22 -16.39
CA GLU B 125 14.77 20.61 -15.32
C GLU B 125 14.61 19.11 -15.34
N TYR B 126 13.36 18.65 -15.34
CA TYR B 126 13.01 17.23 -15.45
C TYR B 126 13.75 16.53 -16.60
N ARG B 127 13.79 17.18 -17.77
CA ARG B 127 14.49 16.63 -18.95
C ARG B 127 16.00 16.62 -18.78
N GLU B 128 16.55 17.68 -18.17
CA GLU B 128 17.99 17.75 -17.88
C GLU B 128 18.39 16.70 -16.85
N ILE B 129 17.59 16.56 -15.80
CA ILE B 129 17.76 15.50 -14.79
C ILE B 129 17.80 14.13 -15.47
N ASP B 130 16.80 13.86 -16.31
CA ASP B 130 16.72 12.63 -17.12
C ASP B 130 17.92 12.44 -18.06
N LYS B 131 18.51 13.53 -18.54
CA LYS B 131 19.67 13.48 -19.42
C LYS B 131 20.91 13.08 -18.63
N ARG B 132 21.12 13.72 -17.49
CA ARG B 132 22.22 13.38 -16.60
C ARG B 132 22.11 11.96 -16.06
N MET B 133 20.89 11.50 -15.78
CA MET B 133 20.64 10.10 -15.40
C MET B 133 21.15 9.17 -16.50
N ASN B 134 20.70 9.42 -17.73
CA ASN B 134 21.10 8.61 -18.90
C ASN B 134 22.56 8.76 -19.32
N SER B 135 23.24 9.82 -18.88
CA SER B 135 24.68 9.97 -19.09
C SER B 135 25.52 9.26 -18.01
N ILE B 136 24.91 8.96 -16.85
CA ILE B 136 25.57 8.27 -15.73
C ILE B 136 25.36 6.76 -15.78
N LYS B 137 24.24 6.30 -16.36
CA LYS B 137 23.94 4.87 -16.53
C LYS B 137 25.03 3.99 -17.16
N PRO B 138 25.69 4.46 -18.26
CA PRO B 138 26.73 3.63 -18.87
C PRO B 138 27.95 3.41 -17.96
N ASP B 139 28.36 4.44 -17.21
CA ASP B 139 29.44 4.32 -16.22
C ASP B 139 29.04 3.37 -15.09
N LEU B 140 27.82 3.56 -14.58
CA LEU B 140 27.27 2.75 -13.48
C LEU B 140 27.21 1.27 -13.82
N ILE B 141 26.80 0.96 -15.06
CA ILE B 141 26.79 -0.41 -15.58
C ILE B 141 28.22 -0.92 -15.86
N GLN B 142 29.07 -0.04 -16.39
CA GLN B 142 30.49 -0.36 -16.62
C GLN B 142 31.19 -0.78 -15.32
N LEU B 143 31.07 0.09 -14.31
CA LEU B 143 31.71 -0.14 -13.01
C LEU B 143 31.20 -1.37 -12.25
N ARG B 144 29.93 -1.75 -12.47
CA ARG B 144 29.37 -2.95 -11.85
C ARG B 144 29.97 -4.22 -12.45
N LYS B 145 30.02 -4.28 -13.79
CA LYS B 145 30.50 -5.47 -14.50
C LYS B 145 32.00 -5.71 -14.32
N THR B 146 32.77 -4.63 -14.26
CA THR B 146 34.19 -4.69 -13.90
C THR B 146 34.37 -5.26 -12.49
N ARG B 147 33.69 -4.64 -11.52
CA ARG B 147 33.73 -5.08 -10.12
C ARG B 147 33.47 -6.58 -9.99
N ASP B 148 32.45 -7.08 -10.67
CA ASP B 148 32.11 -8.50 -10.68
C ASP B 148 33.16 -9.38 -11.37
N GLN B 149 33.71 -8.92 -12.50
CA GLN B 149 34.75 -9.67 -13.23
C GLN B 149 36.00 -9.89 -12.36
N TYR B 150 36.38 -8.87 -11.59
CA TYR B 150 37.49 -8.97 -10.65
C TYR B 150 37.16 -9.91 -9.47
N LEU B 151 35.94 -9.83 -8.96
CA LEU B 151 35.46 -10.76 -7.90
C LEU B 151 35.60 -12.23 -8.29
N MET B 152 35.16 -12.53 -9.52
CA MET B 152 35.21 -13.89 -10.05
C MET B 152 36.65 -14.33 -10.28
N TRP B 153 37.47 -13.42 -10.80
CA TRP B 153 38.89 -13.71 -11.04
C TRP B 153 39.59 -14.15 -9.75
N LEU B 154 39.38 -13.40 -8.67
CA LEU B 154 39.97 -13.72 -7.35
C LEU B 154 39.37 -14.98 -6.72
N THR B 155 38.08 -15.19 -6.91
CA THR B 155 37.36 -16.38 -6.42
C THR B 155 37.84 -17.67 -7.11
N GLN B 156 38.13 -17.59 -8.40
CA GLN B 156 38.71 -18.69 -9.17
C GLN B 156 40.13 -19.00 -8.69
N LYS B 157 40.91 -17.94 -8.47
CA LYS B 157 42.27 -18.07 -7.95
C LYS B 157 42.36 -18.61 -6.50
N GLY B 158 41.23 -18.71 -5.79
CA GLY B 158 41.17 -19.34 -4.46
C GLY B 158 41.17 -18.38 -3.29
N VAL B 159 41.28 -17.08 -3.56
CA VAL B 159 41.27 -16.04 -2.51
C VAL B 159 40.06 -16.21 -1.61
N ARG B 160 40.31 -16.26 -0.30
CA ARG B 160 39.28 -16.55 0.72
C ARG B 160 38.31 -15.38 0.86
N GLN B 161 37.09 -15.69 1.29
CA GLN B 161 36.01 -14.70 1.42
C GLN B 161 36.35 -13.51 2.35
N LYS B 162 37.20 -13.74 3.36
CA LYS B 162 37.61 -12.67 4.30
C LYS B 162 38.53 -11.62 3.66
N LYS B 163 39.40 -12.06 2.77
CA LYS B 163 40.24 -11.12 2.01
C LYS B 163 39.40 -10.33 0.99
N LEU B 164 38.41 -10.99 0.39
CA LEU B 164 37.49 -10.33 -0.54
C LEU B 164 36.66 -9.25 0.17
N ASN B 165 36.08 -9.61 1.31
CA ASN B 165 35.23 -8.69 2.08
C ASN B 165 35.92 -7.41 2.56
N GLU B 166 37.19 -7.49 2.93
CA GLU B 166 37.92 -6.29 3.37
C GLU B 166 38.28 -5.34 2.21
N TRP B 167 38.37 -5.88 1.00
CA TRP B 167 38.51 -5.05 -0.21
C TRP B 167 37.19 -4.39 -0.57
N LEU B 168 36.10 -5.16 -0.52
CA LEU B 168 34.76 -4.66 -0.82
C LEU B 168 34.19 -3.76 0.28
N GLY B 169 34.03 -4.34 1.47
CA GLY B 169 33.36 -3.71 2.63
C GLY B 169 33.84 -2.32 3.03
N ASN B 170 35.13 -2.05 2.81
CA ASN B 170 35.71 -0.71 2.96
C ASN B 170 35.79 -0.03 1.60
C2 M5V C . 11.81 5.67 23.89
C3 M5V C . 11.20 6.09 25.27
C4 M5V C . 10.69 4.69 25.80
C5 M5V C . 9.96 4.31 24.47
C6 M5V C . 9.10 5.61 24.26
C8 M5V C . 9.70 7.98 24.54
C11 M5V C . 9.30 10.61 23.66
C12 M5V C . 10.58 10.10 23.74
C15 M5V C . 10.91 4.07 22.21
C17 M5V C . 9.49 3.00 20.65
C19 M5V C . 11.42 3.98 19.82
C21 M5V C . 13.01 5.13 21.23
N22 M5V C . 13.97 5.72 21.37
C23 M5V C . 8.26 2.22 20.40
C24 M5V C . 7.18 2.26 21.31
C27 M5V C . 6.96 0.71 19.05
N1 M5V C . 11.14 4.39 23.54
N7 M5V C . 9.83 6.66 25.00
C9 M5V C . 8.41 8.52 24.46
C10 M5V C . 8.21 9.82 24.01
CL1 M5V C . 11.95 11.06 23.31
C14 M5V C . 10.79 8.80 24.19
N16 M5V C . 9.81 3.36 21.89
N18 M5V C . 10.30 3.30 19.63
C20 M5V C . 11.78 4.39 21.11
N25 M5V C . 6.08 1.56 21.08
C26 M5V C . 5.94 0.80 19.99
C28 M5V C . 8.13 1.42 19.24
#